data_4B8U
#
_entry.id   4B8U
#
_cell.length_a   113.900
_cell.length_b   143.670
_cell.length_c   78.000
_cell.angle_alpha   90.00
_cell.angle_beta   116.51
_cell.angle_gamma   90.00
#
_symmetry.space_group_name_H-M   'C 1 2 1'
#
loop_
_entity.id
_entity.type
_entity.pdbx_description
1 polymer '3-HYDROXYDECANOYL-[ACYL-CARRIER-PROTEIN] DEHYDRATASE'
2 non-polymer N-isobutyl-2-{[5-(thiophen-2-yl)-1,2-oxazol-3-yl]methoxy}acetamide
3 non-polymer 'SULFATE ION'
4 water water
#
_entity_poly.entity_id   1
_entity_poly.type   'polypeptide(L)'
_entity_poly.pdbx_seq_one_letter_code
;MTKQHAFTREDLLRCSRGELFGPGNAQLPAPNMLMIDRIVHISDVGGKYGKGELVAELDINPDLWFFACHFEGDPVMPGC
LGLDAMWQLVGFYLGWQGNPGRGRALGSGEVKFFGQVLPTAKKVTYNIHIKRTINRSLVLAIADGTVSVDGREIYSAEGL
RVGLFTSTDSF
;
_entity_poly.pdbx_strand_id   A,B,C,D,E
#
# COMPACT_ATOMS: atom_id res chain seq x y z
N THR A 2 15.28 -24.04 -14.17
CA THR A 2 15.15 -24.19 -15.66
C THR A 2 15.66 -25.55 -16.09
N LYS A 3 16.21 -26.28 -15.13
CA LYS A 3 16.73 -27.59 -15.43
C LYS A 3 15.62 -28.63 -15.35
N GLN A 4 14.65 -28.42 -14.46
CA GLN A 4 13.64 -29.42 -14.16
C GLN A 4 12.38 -29.17 -14.97
N HIS A 5 11.85 -30.24 -15.57
CA HIS A 5 10.86 -30.10 -16.64
C HIS A 5 9.55 -30.68 -16.23
N ALA A 6 9.44 -31.08 -14.98
CA ALA A 6 8.18 -31.52 -14.42
C ALA A 6 8.18 -31.29 -12.92
N PHE A 7 6.99 -31.18 -12.34
CA PHE A 7 6.85 -31.04 -10.89
C PHE A 7 5.68 -31.86 -10.31
N THR A 8 5.92 -32.47 -9.17
CA THR A 8 4.87 -33.24 -8.50
C THR A 8 4.04 -32.30 -7.68
N ARG A 9 2.94 -32.82 -7.11
CA ARG A 9 2.11 -32.01 -6.23
C ARG A 9 2.89 -31.44 -5.03
N GLU A 10 3.82 -32.22 -4.50
CA GLU A 10 4.60 -31.79 -3.34
C GLU A 10 5.56 -30.66 -3.74
N ASP A 11 6.11 -30.75 -4.96
CA ASP A 11 6.92 -29.66 -5.48
C ASP A 11 6.03 -28.40 -5.47
N LEU A 12 4.79 -28.53 -5.90
CA LEU A 12 3.91 -27.37 -6.00
C LEU A 12 3.54 -26.86 -4.61
N LEU A 13 3.34 -27.75 -3.65
CA LEU A 13 3.07 -27.34 -2.27
C LEU A 13 4.29 -26.65 -1.62
N ARG A 14 5.47 -27.07 -2.03
CA ARG A 14 6.69 -26.44 -1.56
C ARG A 14 6.77 -25.04 -2.18
N CYS A 15 6.43 -24.94 -3.47
CA CYS A 15 6.37 -23.63 -4.12
C CYS A 15 5.41 -22.70 -3.39
N SER A 16 4.27 -23.23 -2.95
CA SER A 16 3.23 -22.42 -2.31
C SER A 16 3.68 -21.84 -0.97
N ARG A 17 4.60 -22.52 -0.30
CA ARG A 17 5.18 -22.00 0.93
C ARG A 17 6.38 -21.07 0.70
N GLY A 18 6.71 -20.78 -0.56
CA GLY A 18 7.80 -19.88 -0.88
C GLY A 18 9.15 -20.57 -0.94
N GLU A 19 9.12 -21.91 -0.94
CA GLU A 19 10.32 -22.68 -0.68
C GLU A 19 10.89 -23.33 -1.94
N LEU A 20 10.27 -23.11 -3.09
CA LEU A 20 10.84 -23.61 -4.33
C LEU A 20 11.70 -22.55 -4.99
N PHE A 21 11.19 -21.32 -5.03
CA PHE A 21 11.89 -20.23 -5.71
C PHE A 21 12.49 -19.21 -4.74
N GLY A 22 12.22 -19.37 -3.45
CA GLY A 22 12.75 -18.46 -2.44
C GLY A 22 11.80 -17.35 -2.02
N PRO A 23 12.06 -16.72 -0.86
CA PRO A 23 11.20 -15.66 -0.34
C PRO A 23 11.25 -14.40 -1.22
N GLY A 24 10.09 -13.80 -1.45
CA GLY A 24 10.00 -12.66 -2.34
C GLY A 24 9.90 -13.02 -3.82
N ASN A 25 9.93 -14.30 -4.16
CA ASN A 25 9.76 -14.69 -5.57
C ASN A 25 8.44 -15.37 -5.75
N ALA A 26 8.18 -15.87 -6.95
CA ALA A 26 6.84 -16.38 -7.27
C ALA A 26 6.40 -17.50 -6.35
N GLN A 27 5.18 -17.42 -5.82
CA GLN A 27 4.49 -18.53 -5.17
C GLN A 27 3.20 -18.90 -5.90
N LEU A 28 2.93 -20.20 -6.03
CA LEU A 28 1.57 -20.67 -6.21
C LEU A 28 0.76 -20.44 -4.95
N PRO A 29 -0.58 -20.45 -5.10
CA PRO A 29 -1.44 -20.42 -3.93
C PRO A 29 -1.56 -21.79 -3.33
N ALA A 30 -1.87 -21.83 -2.05
CA ALA A 30 -2.12 -23.08 -1.36
C ALA A 30 -3.61 -23.48 -1.56
N PRO A 31 -3.96 -24.73 -1.25
CA PRO A 31 -5.37 -25.11 -1.18
C PRO A 31 -6.13 -24.19 -0.25
N ASN A 32 -7.37 -23.83 -0.57
CA ASN A 32 -8.11 -24.40 -1.71
C ASN A 32 -8.11 -23.57 -2.98
N MET A 33 -7.18 -22.64 -3.10
CA MET A 33 -7.07 -21.87 -4.34
C MET A 33 -6.14 -22.53 -5.36
N LEU A 34 -5.28 -23.43 -4.93
CA LEU A 34 -4.38 -24.10 -5.85
C LEU A 34 -5.17 -24.99 -6.80
N MET A 35 -5.09 -24.73 -8.10
CA MET A 35 -5.92 -25.45 -9.07
C MET A 35 -5.11 -26.37 -9.95
N ILE A 36 -3.95 -26.78 -9.45
CA ILE A 36 -3.09 -27.68 -10.16
C ILE A 36 -2.56 -28.77 -9.24
N ASP A 37 -2.56 -30.00 -9.72
CA ASP A 37 -1.98 -31.09 -8.98
C ASP A 37 -0.55 -31.36 -9.43
N ARG A 38 -0.26 -31.19 -10.72
CA ARG A 38 1.09 -31.44 -11.20
C ARG A 38 1.35 -30.77 -12.52
N ILE A 39 2.64 -30.48 -12.73
CA ILE A 39 3.11 -29.97 -14.02
C ILE A 39 3.85 -31.09 -14.72
N VAL A 40 3.30 -31.51 -15.84
CA VAL A 40 3.84 -32.64 -16.53
C VAL A 40 4.99 -32.24 -17.43
N HIS A 41 4.93 -31.04 -17.97
CA HIS A 41 5.95 -30.56 -18.87
C HIS A 41 5.99 -29.10 -18.74
N ILE A 42 7.18 -28.56 -18.55
CA ILE A 42 7.42 -27.14 -18.63
C ILE A 42 8.77 -26.94 -19.32
N SER A 43 8.80 -26.15 -20.38
CA SER A 43 10.06 -25.75 -20.94
C SER A 43 10.03 -24.33 -21.47
N ASP A 44 11.19 -23.79 -21.80
CA ASP A 44 11.30 -22.47 -22.40
C ASP A 44 11.70 -22.52 -23.90
N VAL A 45 11.63 -23.68 -24.56
CA VAL A 45 11.64 -23.71 -26.03
C VAL A 45 10.45 -24.45 -26.56
N GLY A 46 10.23 -24.40 -27.87
CA GLY A 46 9.03 -25.02 -28.46
C GLY A 46 7.75 -24.39 -27.95
N GLY A 47 6.66 -25.14 -27.99
CA GLY A 47 5.33 -24.58 -27.86
C GLY A 47 4.90 -23.99 -29.18
N LYS A 48 3.64 -23.57 -29.23
CA LYS A 48 3.04 -22.96 -30.39
C LYS A 48 3.95 -21.87 -31.00
N TYR A 49 4.65 -21.10 -30.14
CA TYR A 49 5.29 -19.87 -30.58
C TYR A 49 6.77 -19.97 -30.51
N GLY A 50 7.24 -21.12 -30.04
CA GLY A 50 8.67 -21.37 -29.97
C GLY A 50 9.30 -20.67 -28.80
N LYS A 51 8.50 -20.21 -27.87
CA LYS A 51 8.98 -19.48 -26.71
C LYS A 51 8.70 -20.18 -25.40
N GLY A 52 8.35 -21.46 -25.47
CA GLY A 52 7.99 -22.23 -24.29
C GLY A 52 6.55 -22.78 -24.26
N GLU A 53 6.29 -23.66 -23.27
CA GLU A 53 5.06 -24.46 -23.15
C GLU A 53 4.92 -24.98 -21.69
N LEU A 54 3.72 -25.01 -21.14
CA LEU A 54 3.46 -25.76 -19.91
C LEU A 54 2.28 -26.71 -20.14
N VAL A 55 2.37 -27.92 -19.57
CA VAL A 55 1.28 -28.82 -19.54
C VAL A 55 1.10 -29.26 -18.11
N ALA A 56 -0.09 -29.04 -17.57
CA ALA A 56 -0.38 -29.31 -16.15
C ALA A 56 -1.73 -30.05 -16.02
N GLU A 57 -1.96 -30.71 -14.89
CA GLU A 57 -3.18 -31.49 -14.69
C GLU A 57 -3.81 -31.18 -13.35
N LEU A 58 -5.13 -31.20 -13.29
CA LEU A 58 -5.88 -31.21 -12.03
C LEU A 58 -6.79 -32.44 -12.03
N ASP A 59 -6.67 -33.27 -11.00
CA ASP A 59 -7.51 -34.44 -10.89
C ASP A 59 -8.86 -34.03 -10.35
N ILE A 60 -9.91 -34.64 -10.89
CA ILE A 60 -11.28 -34.32 -10.53
C ILE A 60 -11.90 -35.49 -9.77
N ASN A 61 -12.55 -35.18 -8.65
CA ASN A 61 -13.45 -36.12 -7.99
C ASN A 61 -14.60 -35.35 -7.36
N PRO A 62 -15.73 -36.02 -7.14
CA PRO A 62 -16.95 -35.35 -6.68
C PRO A 62 -16.75 -34.52 -5.41
N ASP A 63 -15.65 -34.79 -4.70
CA ASP A 63 -15.36 -34.28 -3.35
C ASP A 63 -14.84 -32.87 -3.36
N LEU A 64 -14.29 -32.47 -4.49
CA LEU A 64 -13.73 -31.13 -4.57
C LEU A 64 -14.77 -30.08 -4.11
N TRP A 65 -14.30 -29.13 -3.30
CA TRP A 65 -15.18 -28.31 -2.46
C TRP A 65 -16.15 -27.51 -3.27
N PHE A 66 -15.73 -27.07 -4.44
CA PHE A 66 -16.56 -26.16 -5.19
C PHE A 66 -17.82 -26.81 -5.74
N PHE A 67 -17.82 -28.14 -5.86
CA PHE A 67 -18.99 -28.87 -6.41
C PHE A 67 -20.19 -28.78 -5.47
N ALA A 68 -19.96 -28.75 -4.16
CA ALA A 68 -21.05 -28.59 -3.18
C ALA A 68 -21.76 -27.23 -3.32
N CYS A 69 -21.00 -26.15 -3.51
CA CYS A 69 -21.56 -24.79 -3.45
C CYS A 69 -21.81 -24.14 -4.81
N HIS A 70 -21.44 -24.83 -5.90
CA HIS A 70 -21.51 -24.24 -7.24
C HIS A 70 -21.95 -25.25 -8.29
N PHE A 71 -23.25 -25.52 -8.45
CA PHE A 71 -24.34 -25.03 -7.58
C PHE A 71 -25.10 -26.17 -6.88
N GLU A 72 -25.79 -25.84 -5.78
CA GLU A 72 -26.64 -26.81 -5.10
C GLU A 72 -27.59 -27.40 -6.13
N GLY A 73 -27.57 -28.72 -6.28
CA GLY A 73 -28.45 -29.43 -7.20
C GLY A 73 -27.97 -29.43 -8.63
N ASP A 74 -26.75 -28.94 -8.87
CA ASP A 74 -26.26 -28.68 -10.24
C ASP A 74 -24.76 -28.41 -10.24
N PRO A 75 -23.97 -29.39 -9.80
CA PRO A 75 -22.55 -29.17 -9.57
C PRO A 75 -21.84 -29.00 -10.89
N VAL A 76 -20.94 -28.00 -10.94
CA VAL A 76 -20.06 -27.77 -12.10
C VAL A 76 -18.85 -26.92 -11.68
N MET A 77 -17.66 -27.26 -12.15
CA MET A 77 -16.49 -26.50 -11.80
C MET A 77 -16.68 -25.10 -12.28
N PRO A 78 -16.34 -24.13 -11.44
CA PRO A 78 -16.38 -22.76 -11.89
C PRO A 78 -15.37 -22.45 -12.99
N GLY A 79 -15.79 -21.70 -14.01
CA GLY A 79 -14.86 -21.32 -15.09
C GLY A 79 -13.73 -20.43 -14.59
N CYS A 80 -14.05 -19.50 -13.70
CA CYS A 80 -13.03 -18.63 -13.13
C CYS A 80 -11.88 -19.39 -12.52
N LEU A 81 -12.15 -20.56 -11.97
CA LEU A 81 -11.06 -21.34 -11.35
C LEU A 81 -10.15 -22.01 -12.41
N GLY A 82 -10.74 -22.44 -13.52
CA GLY A 82 -9.93 -22.99 -14.59
C GLY A 82 -9.12 -21.89 -15.23
N LEU A 83 -9.69 -20.70 -15.23
CA LEU A 83 -8.97 -19.57 -15.72
C LEU A 83 -7.77 -19.31 -14.81
N ASP A 84 -8.00 -19.33 -13.51
CA ASP A 84 -6.94 -18.89 -12.60
C ASP A 84 -5.79 -19.88 -12.71
N ALA A 85 -6.13 -21.15 -12.96
CA ALA A 85 -5.09 -22.17 -13.15
C ALA A 85 -4.08 -21.68 -14.21
N MET A 86 -4.58 -21.02 -15.24
CA MET A 86 -3.75 -20.65 -16.35
C MET A 86 -2.88 -19.49 -15.94
N TRP A 87 -3.45 -18.54 -15.19
CA TRP A 87 -2.62 -17.50 -14.56
C TRP A 87 -1.61 -18.06 -13.59
N GLN A 88 -2.02 -18.99 -12.74
CA GLN A 88 -1.13 -19.56 -11.77
C GLN A 88 0.07 -20.15 -12.52
N LEU A 89 -0.20 -20.89 -13.59
CA LEU A 89 0.84 -21.51 -14.36
C LEU A 89 1.77 -20.52 -15.03
N VAL A 90 1.23 -19.43 -15.58
CA VAL A 90 2.11 -18.44 -16.23
C VAL A 90 3.03 -17.75 -15.22
N GLY A 91 2.54 -17.53 -14.01
CA GLY A 91 3.37 -17.02 -12.91
C GLY A 91 4.48 -17.98 -12.55
N PHE A 92 4.14 -19.24 -12.43
CA PHE A 92 5.14 -20.28 -12.14
C PHE A 92 6.26 -20.23 -13.18
N TYR A 93 5.88 -20.12 -14.44
CA TYR A 93 6.86 -20.04 -15.53
C TYR A 93 7.87 -18.92 -15.24
N LEU A 94 7.37 -17.75 -14.87
CA LEU A 94 8.24 -16.58 -14.68
C LEU A 94 9.26 -16.82 -13.58
N GLY A 95 8.80 -17.42 -12.48
CA GLY A 95 9.68 -17.76 -11.37
C GLY A 95 10.66 -18.85 -11.75
N TRP A 96 10.18 -19.82 -12.51
CA TRP A 96 10.98 -20.93 -12.96
C TRP A 96 12.08 -20.48 -13.89
N GLN A 97 11.85 -19.43 -14.66
CA GLN A 97 12.91 -18.83 -15.50
C GLN A 97 14.01 -18.16 -14.70
N GLY A 98 13.76 -17.88 -13.42
CA GLY A 98 14.80 -17.35 -12.56
C GLY A 98 14.68 -15.86 -12.33
N ASN A 99 13.55 -15.28 -12.66
CA ASN A 99 13.28 -13.88 -12.38
C ASN A 99 12.82 -13.69 -10.93
N PRO A 100 13.14 -12.52 -10.35
CA PRO A 100 12.73 -12.21 -8.98
C PRO A 100 11.41 -11.47 -8.93
N GLY A 101 10.76 -11.53 -7.76
CA GLY A 101 9.55 -10.79 -7.49
C GLY A 101 8.31 -11.66 -7.33
N ARG A 102 7.28 -11.07 -6.73
CA ARG A 102 6.01 -11.74 -6.52
C ARG A 102 5.13 -11.60 -7.76
N GLY A 103 4.29 -12.61 -8.02
CA GLY A 103 3.45 -12.64 -9.21
C GLY A 103 2.06 -12.03 -9.02
N ARG A 104 1.58 -11.36 -10.07
CA ARG A 104 0.21 -10.89 -10.10
C ARG A 104 -0.32 -11.07 -11.51
N ALA A 105 -1.51 -11.67 -11.62
CA ALA A 105 -2.21 -11.70 -12.91
C ALA A 105 -2.54 -10.28 -13.36
N LEU A 106 -2.30 -9.94 -14.61
CA LEU A 106 -2.56 -8.59 -15.09
C LEU A 106 -3.81 -8.54 -15.94
N GLY A 107 -4.18 -9.70 -16.54
CA GLY A 107 -5.45 -9.84 -17.23
C GLY A 107 -5.43 -10.77 -18.43
N SER A 108 -6.38 -10.59 -19.36
CA SER A 108 -6.31 -11.28 -20.63
C SER A 108 -7.12 -10.59 -21.67
N GLY A 109 -6.91 -10.97 -22.93
CA GLY A 109 -7.89 -10.74 -23.98
C GLY A 109 -8.97 -11.79 -23.93
N GLU A 110 -9.49 -12.20 -25.08
CA GLU A 110 -10.67 -13.04 -25.12
C GLU A 110 -10.54 -14.24 -24.24
N VAL A 111 -11.61 -14.54 -23.53
CA VAL A 111 -11.76 -15.84 -22.88
C VAL A 111 -13.03 -16.47 -23.39
N LYS A 112 -13.00 -17.75 -23.68
CA LYS A 112 -14.21 -18.45 -24.09
C LYS A 112 -14.42 -19.68 -23.26
N PHE A 113 -15.64 -19.83 -22.75
CA PHE A 113 -16.05 -21.08 -22.12
C PHE A 113 -17.06 -21.74 -23.05
N PHE A 114 -16.76 -22.94 -23.51
CA PHE A 114 -17.71 -23.67 -24.36
C PHE A 114 -17.81 -25.13 -23.95
N GLY A 115 -17.57 -25.42 -22.69
CA GLY A 115 -17.91 -26.70 -22.11
C GLY A 115 -17.79 -26.60 -20.62
N GLN A 116 -17.91 -27.73 -19.92
CA GLN A 116 -17.95 -27.70 -18.46
C GLN A 116 -17.28 -28.90 -17.84
N VAL A 117 -16.93 -28.78 -16.56
CA VAL A 117 -16.40 -29.87 -15.80
C VAL A 117 -17.42 -30.31 -14.74
N LEU A 118 -18.04 -31.48 -15.01
CA LEU A 118 -18.90 -32.15 -14.06
C LEU A 118 -18.13 -33.07 -13.12
N PRO A 119 -18.74 -33.39 -11.97
CA PRO A 119 -17.97 -34.16 -10.96
C PRO A 119 -17.67 -35.59 -11.39
N THR A 120 -18.22 -36.02 -12.53
CA THR A 120 -17.99 -37.37 -13.04
C THR A 120 -16.79 -37.39 -13.98
N ALA A 121 -16.18 -36.23 -14.19
CA ALA A 121 -14.94 -36.16 -14.97
C ALA A 121 -13.79 -36.83 -14.24
N LYS A 122 -12.73 -37.16 -14.97
CA LYS A 122 -11.52 -37.72 -14.37
C LYS A 122 -10.38 -36.68 -14.21
N LYS A 123 -10.08 -35.94 -15.28
CA LYS A 123 -8.89 -35.10 -15.24
C LYS A 123 -8.98 -33.88 -16.15
N VAL A 124 -8.65 -32.73 -15.58
CA VAL A 124 -8.55 -31.50 -16.36
C VAL A 124 -7.09 -31.27 -16.73
N THR A 125 -6.84 -30.83 -17.95
CA THR A 125 -5.49 -30.60 -18.42
C THR A 125 -5.40 -29.18 -18.98
N TYR A 126 -4.38 -28.46 -18.53
CA TYR A 126 -4.07 -27.14 -19.05
C TYR A 126 -2.87 -27.18 -20.00
N ASN A 127 -3.00 -26.49 -21.12
CA ASN A 127 -1.94 -26.33 -22.10
C ASN A 127 -1.75 -24.86 -22.28
N ILE A 128 -0.57 -24.36 -21.91
CA ILE A 128 -0.22 -22.95 -22.00
C ILE A 128 0.94 -22.76 -22.97
N HIS A 129 0.82 -21.79 -23.86
CA HIS A 129 1.85 -21.49 -24.82
C HIS A 129 2.31 -20.10 -24.60
N ILE A 130 3.61 -19.93 -24.36
CA ILE A 130 4.14 -18.63 -24.07
C ILE A 130 4.34 -17.92 -25.40
N LYS A 131 3.86 -16.68 -25.46
CA LYS A 131 3.91 -15.90 -26.67
C LYS A 131 5.06 -14.91 -26.64
N ARG A 132 5.33 -14.40 -25.46
CA ARG A 132 6.35 -13.35 -25.31
C ARG A 132 6.68 -13.21 -23.84
N THR A 133 7.94 -12.97 -23.55
CA THR A 133 8.32 -12.46 -22.23
C THR A 133 9.02 -11.15 -22.42
N ILE A 134 8.56 -10.13 -21.72
CA ILE A 134 9.21 -8.81 -21.77
C ILE A 134 10.00 -8.63 -20.48
N ASN A 135 11.24 -8.19 -20.60
CA ASN A 135 12.14 -8.05 -19.45
C ASN A 135 12.62 -6.60 -19.31
N ARG A 136 11.92 -5.67 -19.94
CA ARG A 136 12.51 -4.39 -20.25
C ARG A 136 12.61 -3.54 -18.98
N SER A 137 11.54 -3.51 -18.19
CA SER A 137 11.56 -2.74 -16.95
C SER A 137 10.90 -3.55 -15.84
N LEU A 138 9.59 -3.77 -15.95
CA LEU A 138 8.93 -4.85 -15.22
C LEU A 138 9.14 -6.14 -16.01
N VAL A 139 9.16 -7.29 -15.34
CA VAL A 139 9.24 -8.57 -16.03
C VAL A 139 7.84 -9.19 -16.21
N LEU A 140 7.42 -9.46 -17.45
CA LEU A 140 6.09 -10.02 -17.65
C LEU A 140 5.95 -10.96 -18.85
N ALA A 141 4.88 -11.73 -18.84
CA ALA A 141 4.71 -12.82 -19.78
C ALA A 141 3.37 -12.71 -20.41
N ILE A 142 3.29 -13.07 -21.69
CA ILE A 142 2.03 -13.15 -22.40
C ILE A 142 1.87 -14.53 -23.01
N ALA A 143 0.72 -15.15 -22.82
CA ALA A 143 0.51 -16.52 -23.28
C ALA A 143 -0.93 -16.75 -23.72
N ASP A 144 -1.11 -17.75 -24.58
CA ASP A 144 -2.40 -18.33 -24.83
C ASP A 144 -2.54 -19.64 -24.05
N GLY A 145 -3.77 -19.96 -23.70
CA GLY A 145 -4.04 -21.18 -22.95
C GLY A 145 -5.35 -21.84 -23.37
N THR A 146 -5.43 -23.13 -23.15
CA THR A 146 -6.68 -23.87 -23.29
C THR A 146 -6.82 -24.83 -22.11
N VAL A 147 -8.06 -25.16 -21.79
CA VAL A 147 -8.39 -26.08 -20.72
C VAL A 147 -9.21 -27.21 -21.31
N SER A 148 -8.91 -28.42 -20.90
CA SER A 148 -9.59 -29.59 -21.44
C SER A 148 -10.00 -30.51 -20.30
N VAL A 149 -11.06 -31.28 -20.54
CA VAL A 149 -11.55 -32.24 -19.58
C VAL A 149 -11.69 -33.54 -20.30
N ASP A 150 -10.97 -34.54 -19.79
CA ASP A 150 -10.89 -35.86 -20.40
C ASP A 150 -10.82 -35.80 -21.94
N GLY A 151 -9.89 -35.01 -22.44
CA GLY A 151 -9.51 -35.07 -23.84
C GLY A 151 -10.25 -34.04 -24.64
N ARG A 152 -11.26 -33.44 -24.02
CA ARG A 152 -12.13 -32.48 -24.72
C ARG A 152 -11.86 -31.02 -24.38
N GLU A 153 -11.64 -30.20 -25.41
CA GLU A 153 -11.27 -28.80 -25.23
C GLU A 153 -12.50 -28.01 -24.83
N ILE A 154 -12.46 -27.32 -23.70
CA ILE A 154 -13.66 -26.62 -23.24
C ILE A 154 -13.49 -25.10 -23.06
N TYR A 155 -12.31 -24.64 -22.61
CA TYR A 155 -12.02 -23.20 -22.47
C TYR A 155 -10.86 -22.79 -23.32
N SER A 156 -10.85 -21.53 -23.74
CA SER A 156 -9.68 -20.94 -24.33
C SER A 156 -9.44 -19.55 -23.75
N ALA A 157 -8.18 -19.13 -23.74
CA ALA A 157 -7.79 -17.78 -23.26
C ALA A 157 -6.67 -17.24 -24.15
N GLU A 158 -6.90 -16.08 -24.76
CA GLU A 158 -5.85 -15.41 -25.52
C GLU A 158 -5.30 -14.22 -24.77
N GLY A 159 -3.97 -14.06 -24.79
CA GLY A 159 -3.33 -12.89 -24.22
C GLY A 159 -3.40 -12.84 -22.71
N LEU A 160 -3.24 -13.99 -22.06
CA LEU A 160 -3.07 -14.02 -20.60
C LEU A 160 -1.80 -13.26 -20.29
N ARG A 161 -1.84 -12.46 -19.24
CA ARG A 161 -0.69 -11.66 -18.84
C ARG A 161 -0.46 -11.83 -17.34
N VAL A 162 0.79 -12.05 -16.99
CA VAL A 162 1.19 -12.04 -15.60
C VAL A 162 2.50 -11.29 -15.49
N GLY A 163 2.65 -10.54 -14.41
CA GLY A 163 3.86 -9.81 -14.17
C GLY A 163 4.43 -10.21 -12.82
N LEU A 164 5.72 -9.91 -12.65
CA LEU A 164 6.41 -10.09 -11.38
C LEU A 164 6.80 -8.75 -10.82
N PHE A 165 6.74 -8.65 -9.49
CA PHE A 165 6.89 -7.41 -8.80
C PHE A 165 7.80 -7.53 -7.59
N THR A 166 8.89 -6.77 -7.61
CA THR A 166 9.80 -6.78 -6.51
C THR A 166 9.22 -5.77 -5.56
N SER A 167 8.16 -5.09 -6.01
CA SER A 167 7.48 -4.14 -5.16
C SER A 167 6.03 -3.90 -5.57
N THR A 168 5.12 -4.64 -4.94
CA THR A 168 3.67 -4.52 -5.16
C THR A 168 3.00 -3.35 -4.44
N ASP A 169 3.76 -2.66 -3.60
CA ASP A 169 3.20 -1.75 -2.62
C ASP A 169 2.29 -0.67 -3.22
N SER A 170 2.26 -0.56 -4.55
CA SER A 170 1.59 0.58 -5.20
C SER A 170 0.08 0.34 -5.44
N PHE A 171 -0.37 -0.91 -5.28
CA PHE A 171 -1.70 -1.38 -5.76
C PHE A 171 -2.75 -1.79 -4.69
N LYS B 3 -39.20 -6.84 -10.56
CA LYS B 3 -40.00 -5.88 -9.69
C LYS B 3 -39.18 -5.27 -8.54
N GLN B 4 -38.33 -6.09 -7.89
CA GLN B 4 -37.60 -5.69 -6.69
C GLN B 4 -36.20 -5.20 -7.07
N HIS B 5 -35.71 -4.16 -6.40
CA HIS B 5 -34.55 -3.44 -6.89
C HIS B 5 -33.36 -3.53 -5.98
N ALA B 6 -33.51 -4.33 -4.93
CA ALA B 6 -32.43 -4.55 -3.97
C ALA B 6 -32.63 -5.89 -3.29
N PHE B 7 -31.52 -6.56 -2.96
CA PHE B 7 -31.58 -7.85 -2.27
C PHE B 7 -30.58 -8.00 -1.12
N THR B 8 -31.05 -8.53 -0.01
CA THR B 8 -30.19 -8.74 1.15
C THR B 8 -29.42 -10.03 0.99
N ARG B 9 -28.51 -10.29 1.91
CA ARG B 9 -27.74 -11.52 1.88
C ARG B 9 -28.62 -12.75 1.95
N GLU B 10 -29.70 -12.66 2.71
CA GLU B 10 -30.61 -13.80 2.85
C GLU B 10 -31.37 -14.00 1.54
N ASP B 11 -31.75 -12.92 0.89
CA ASP B 11 -32.34 -13.05 -0.43
C ASP B 11 -31.36 -13.85 -1.33
N LEU B 12 -30.08 -13.51 -1.25
CA LEU B 12 -29.11 -14.15 -2.10
C LEU B 12 -28.92 -15.61 -1.71
N LEU B 13 -28.95 -15.90 -0.42
CA LEU B 13 -28.82 -17.28 0.01
C LEU B 13 -30.02 -18.09 -0.44
N ARG B 14 -31.17 -17.44 -0.52
CA ARG B 14 -32.40 -18.12 -0.90
C ARG B 14 -32.30 -18.39 -2.39
N CYS B 15 -31.77 -17.42 -3.13
CA CYS B 15 -31.44 -17.67 -4.54
C CYS B 15 -30.50 -18.86 -4.73
N SER B 16 -29.48 -18.95 -3.90
CA SER B 16 -28.49 -20.01 -4.02
C SER B 16 -29.06 -21.43 -3.81
N ARG B 17 -30.13 -21.53 -3.05
CA ARG B 17 -30.84 -22.79 -2.87
C ARG B 17 -31.90 -23.06 -3.94
N GLY B 18 -32.04 -22.16 -4.92
CA GLY B 18 -32.98 -22.36 -6.01
C GLY B 18 -34.36 -21.80 -5.70
N GLU B 19 -34.45 -21.06 -4.62
CA GLU B 19 -35.74 -20.73 -4.05
C GLU B 19 -36.18 -19.32 -4.33
N LEU B 20 -35.39 -18.55 -5.07
CA LEU B 20 -35.80 -17.19 -5.42
C LEU B 20 -36.43 -17.16 -6.79
N PHE B 21 -35.80 -17.84 -7.74
CA PHE B 21 -36.28 -17.85 -9.10
C PHE B 21 -36.90 -19.18 -9.50
N GLY B 22 -36.87 -20.16 -8.60
CA GLY B 22 -37.50 -21.47 -8.85
C GLY B 22 -36.52 -22.50 -9.37
N PRO B 23 -36.90 -23.78 -9.25
CA PRO B 23 -36.03 -24.86 -9.71
C PRO B 23 -35.85 -24.84 -11.23
N GLY B 24 -34.62 -25.08 -11.69
CA GLY B 24 -34.30 -25.04 -13.11
C GLY B 24 -33.98 -23.65 -13.63
N ASN B 25 -34.06 -22.65 -12.78
CA ASN B 25 -33.73 -21.28 -13.21
C ASN B 25 -32.47 -20.82 -12.50
N ALA B 26 -32.07 -19.58 -12.70
CA ALA B 26 -30.71 -19.14 -12.32
C ALA B 26 -30.55 -19.25 -10.80
N GLN B 27 -29.45 -19.85 -10.35
CA GLN B 27 -29.00 -19.80 -8.95
C GLN B 27 -27.66 -19.08 -8.86
N LEU B 28 -27.49 -18.25 -7.84
CA LEU B 28 -26.16 -17.93 -7.36
C LEU B 28 -25.52 -19.17 -6.71
N PRO B 29 -24.19 -19.20 -6.68
CA PRO B 29 -23.54 -20.19 -5.85
C PRO B 29 -23.65 -19.91 -4.36
N ALA B 30 -23.50 -20.95 -3.54
CA ALA B 30 -23.43 -20.82 -2.09
C ALA B 30 -21.97 -20.52 -1.67
N PRO B 31 -21.78 -20.09 -0.43
CA PRO B 31 -20.41 -20.10 0.14
C PRO B 31 -19.74 -21.48 0.04
N ASN B 32 -18.44 -21.53 -0.26
CA ASN B 32 -17.60 -20.35 -0.32
C ASN B 32 -17.36 -19.78 -1.70
N MET B 33 -18.22 -20.10 -2.66
CA MET B 33 -18.05 -19.51 -3.99
C MET B 33 -18.84 -18.22 -4.16
N LEU B 34 -19.85 -18.01 -3.32
CA LEU B 34 -20.65 -16.80 -3.41
C LEU B 34 -19.81 -15.58 -3.08
N MET B 35 -19.67 -14.64 -4.02
CA MET B 35 -18.76 -13.53 -3.83
C MET B 35 -19.50 -12.21 -3.67
N ILE B 36 -20.76 -12.30 -3.22
CA ILE B 36 -21.61 -11.12 -3.03
C ILE B 36 -22.37 -11.23 -1.71
N ASP B 37 -22.45 -10.13 -0.98
CA ASP B 37 -23.24 -10.10 0.26
C ASP B 37 -24.61 -9.48 -0.02
N ARG B 38 -24.65 -8.48 -0.91
CA ARG B 38 -25.93 -7.85 -1.20
C ARG B 38 -25.94 -7.13 -2.53
N ILE B 39 -27.14 -7.02 -3.12
CA ILE B 39 -27.32 -6.21 -4.29
C ILE B 39 -28.02 -4.94 -3.86
N VAL B 40 -27.31 -3.84 -4.02
CA VAL B 40 -27.79 -2.56 -3.55
C VAL B 40 -28.76 -1.95 -4.56
N HIS B 41 -28.55 -2.22 -5.83
CA HIS B 41 -29.41 -1.67 -6.88
C HIS B 41 -29.33 -2.61 -8.03
N ILE B 42 -30.48 -2.94 -8.59
CA ILE B 42 -30.55 -3.66 -9.83
C ILE B 42 -31.73 -3.07 -10.58
N SER B 43 -31.52 -2.65 -11.82
CA SER B 43 -32.63 -2.33 -12.68
C SER B 43 -32.36 -2.69 -14.13
N ASP B 44 -33.38 -2.62 -14.95
CA ASP B 44 -33.23 -2.90 -16.37
C ASP B 44 -33.32 -1.62 -17.23
N VAL B 45 -33.23 -0.43 -16.60
CA VAL B 45 -33.03 0.81 -17.36
C VAL B 45 -31.85 1.61 -16.83
N GLY B 46 -31.43 2.63 -17.57
CA GLY B 46 -30.20 3.34 -17.22
C GLY B 46 -28.96 2.47 -17.29
N GLY B 47 -27.94 2.82 -16.53
CA GLY B 47 -26.61 2.27 -16.75
C GLY B 47 -25.93 2.97 -17.91
N LYS B 48 -24.65 2.62 -18.11
CA LYS B 48 -23.78 3.20 -19.12
C LYS B 48 -24.45 3.14 -20.49
N TYR B 49 -25.22 2.09 -20.73
CA TYR B 49 -25.72 1.83 -22.06
C TYR B 49 -27.21 1.97 -22.13
N GLY B 50 -27.83 2.28 -21.00
CA GLY B 50 -29.29 2.48 -20.95
C GLY B 50 -30.06 1.18 -20.92
N LYS B 51 -29.37 0.06 -20.72
CA LYS B 51 -29.97 -1.25 -20.81
C LYS B 51 -29.92 -1.96 -19.48
N GLY B 52 -29.67 -1.22 -18.43
CA GLY B 52 -29.64 -1.79 -17.08
C GLY B 52 -28.30 -1.62 -16.37
N GLU B 53 -28.31 -1.93 -15.06
CA GLU B 53 -27.20 -1.68 -14.16
C GLU B 53 -27.36 -2.60 -12.96
N LEU B 54 -26.26 -3.10 -12.38
CA LEU B 54 -26.30 -3.64 -11.02
C LEU B 54 -25.22 -3.00 -10.19
N VAL B 55 -25.50 -2.84 -8.90
CA VAL B 55 -24.48 -2.45 -7.94
C VAL B 55 -24.59 -3.40 -6.78
N ALA B 56 -23.47 -4.05 -6.46
CA ALA B 56 -23.44 -5.11 -5.44
C ALA B 56 -22.27 -4.87 -4.49
N GLU B 57 -22.31 -5.44 -3.28
CA GLU B 57 -21.21 -5.28 -2.33
C GLU B 57 -20.78 -6.64 -1.76
N LEU B 58 -19.49 -6.76 -1.43
CA LEU B 58 -18.98 -7.86 -0.59
C LEU B 58 -18.17 -7.28 0.59
N ASP B 59 -18.56 -7.60 1.82
CA ASP B 59 -17.85 -7.11 3.01
C ASP B 59 -16.57 -7.90 3.21
N ILE B 60 -15.51 -7.20 3.62
CA ILE B 60 -14.18 -7.81 3.76
C ILE B 60 -13.73 -7.81 5.21
N ASN B 61 -13.08 -8.90 5.64
CA ASN B 61 -12.31 -8.95 6.87
C ASN B 61 -11.18 -10.00 6.74
N PRO B 62 -10.18 -9.91 7.64
CA PRO B 62 -8.94 -10.70 7.46
C PRO B 62 -9.17 -12.20 7.49
N ASP B 63 -10.33 -12.59 8.01
CA ASP B 63 -10.63 -13.99 8.28
C ASP B 63 -11.29 -14.68 7.08
N LEU B 64 -11.63 -13.95 6.02
CA LEU B 64 -12.05 -14.60 4.79
C LEU B 64 -11.04 -15.65 4.33
N TRP B 65 -11.57 -16.81 3.93
CA TRP B 65 -10.77 -18.00 3.74
C TRP B 65 -9.63 -17.78 2.77
N PHE B 66 -9.89 -17.03 1.71
CA PHE B 66 -8.91 -17.01 0.61
C PHE B 66 -7.62 -16.25 0.98
N PHE B 67 -7.69 -15.43 2.02
CA PHE B 67 -6.49 -14.69 2.45
C PHE B 67 -5.43 -15.62 3.01
N ALA B 68 -5.85 -16.70 3.68
CA ALA B 68 -4.91 -17.65 4.25
C ALA B 68 -4.08 -18.36 3.18
N CYS B 69 -4.73 -18.75 2.08
CA CYS B 69 -4.09 -19.64 1.10
C CYS B 69 -3.60 -18.91 -0.16
N HIS B 70 -3.84 -17.60 -0.22
CA HIS B 70 -3.54 -16.86 -1.44
C HIS B 70 -3.05 -15.47 -1.13
N PHE B 71 -1.76 -15.28 -0.82
CA PHE B 71 -0.77 -16.34 -0.57
C PHE B 71 -0.21 -16.29 0.87
N GLU B 72 0.32 -17.42 1.34
CA GLU B 72 0.96 -17.47 2.65
C GLU B 72 2.02 -16.38 2.70
N GLY B 73 1.93 -15.52 3.72
CA GLY B 73 2.86 -14.41 3.88
C GLY B 73 2.64 -13.23 2.95
N ASP B 74 1.50 -13.20 2.23
CA ASP B 74 1.24 -12.21 1.17
C ASP B 74 -0.22 -12.32 0.74
N PRO B 75 -1.15 -12.01 1.67
CA PRO B 75 -2.58 -12.16 1.41
C PRO B 75 -3.10 -11.11 0.43
N VAL B 76 -3.87 -11.57 -0.55
CA VAL B 76 -4.62 -10.70 -1.44
C VAL B 76 -5.79 -11.50 -2.04
N MET B 77 -6.94 -10.86 -2.16
CA MET B 77 -8.08 -11.55 -2.78
C MET B 77 -7.72 -11.97 -4.20
N PRO B 78 -8.11 -13.17 -4.60
CA PRO B 78 -7.82 -13.60 -5.97
C PRO B 78 -8.66 -12.81 -6.96
N GLY B 79 -8.03 -12.40 -8.04
CA GLY B 79 -8.73 -11.70 -9.06
C GLY B 79 -9.84 -12.53 -9.64
N CYS B 80 -9.56 -13.80 -9.92
CA CYS B 80 -10.59 -14.64 -10.53
C CYS B 80 -11.87 -14.61 -9.75
N LEU B 81 -11.80 -14.42 -8.44
CA LEU B 81 -13.02 -14.43 -7.65
C LEU B 81 -13.81 -13.14 -7.78
N GLY B 82 -13.13 -12.03 -7.90
CA GLY B 82 -13.80 -10.77 -8.20
C GLY B 82 -14.42 -10.83 -9.58
N LEU B 83 -13.72 -11.50 -10.47
CA LEU B 83 -14.22 -11.66 -11.82
C LEU B 83 -15.52 -12.49 -11.77
N ASP B 84 -15.52 -13.56 -10.98
CA ASP B 84 -16.65 -14.45 -11.02
C ASP B 84 -17.85 -13.73 -10.45
N ALA B 85 -17.60 -12.87 -9.47
CA ALA B 85 -18.66 -12.03 -8.93
C ALA B 85 -19.44 -11.42 -10.08
N MET B 86 -18.72 -10.97 -11.10
CA MET B 86 -19.32 -10.15 -12.13
C MET B 86 -20.15 -11.08 -12.97
N TRP B 87 -19.63 -12.28 -13.25
CA TRP B 87 -20.42 -13.30 -13.95
C TRP B 87 -21.63 -13.69 -13.11
N GLN B 88 -21.44 -13.88 -11.80
CA GLN B 88 -22.52 -14.29 -10.94
C GLN B 88 -23.60 -13.24 -11.10
N LEU B 89 -23.22 -11.97 -11.03
CA LEU B 89 -24.19 -10.87 -11.09
C LEU B 89 -24.94 -10.81 -12.42
N VAL B 90 -24.26 -11.08 -13.54
CA VAL B 90 -24.93 -11.02 -14.84
C VAL B 90 -25.93 -12.16 -14.97
N GLY B 91 -25.58 -13.30 -14.42
CA GLY B 91 -26.53 -14.44 -14.34
C GLY B 91 -27.77 -14.09 -13.54
N PHE B 92 -27.56 -13.49 -12.39
CA PHE B 92 -28.66 -13.09 -11.55
C PHE B 92 -29.58 -12.18 -12.34
N TYR B 93 -29.00 -11.23 -13.05
CA TYR B 93 -29.79 -10.32 -13.89
C TYR B 93 -30.73 -11.07 -14.81
N LEU B 94 -30.18 -12.07 -15.50
CA LEU B 94 -30.97 -12.84 -16.46
C LEU B 94 -32.18 -13.52 -15.80
N GLY B 95 -31.94 -14.14 -14.64
CA GLY B 95 -33.01 -14.78 -13.88
C GLY B 95 -33.99 -13.77 -13.33
N TRP B 96 -33.48 -12.65 -12.89
CA TRP B 96 -34.29 -11.58 -12.35
C TRP B 96 -35.21 -11.00 -13.39
N GLN B 97 -34.78 -10.94 -14.64
CA GLN B 97 -35.66 -10.51 -15.73
C GLN B 97 -36.82 -11.47 -15.98
N GLY B 98 -36.73 -12.69 -15.49
CA GLY B 98 -37.82 -13.63 -15.64
C GLY B 98 -37.58 -14.69 -16.71
N ASN B 99 -36.36 -14.77 -17.23
CA ASN B 99 -35.99 -15.83 -18.16
C ASN B 99 -35.76 -17.17 -17.43
N PRO B 100 -36.10 -18.27 -18.09
CA PRO B 100 -35.85 -19.60 -17.54
C PRO B 100 -34.46 -20.12 -17.87
N GLY B 101 -34.06 -21.15 -17.12
CA GLY B 101 -32.86 -21.92 -17.43
C GLY B 101 -31.74 -21.67 -16.44
N ARG B 102 -30.78 -22.58 -16.45
CA ARG B 102 -29.61 -22.47 -15.59
C ARG B 102 -28.54 -21.60 -16.27
N GLY B 103 -27.77 -20.87 -15.46
CA GLY B 103 -26.76 -19.94 -15.96
C GLY B 103 -25.37 -20.54 -16.11
N ARG B 104 -24.65 -20.13 -17.15
CA ARG B 104 -23.25 -20.46 -17.35
C ARG B 104 -22.51 -19.26 -17.91
N ALA B 105 -21.36 -18.93 -17.33
CA ALA B 105 -20.46 -17.97 -17.96
C ALA B 105 -20.01 -18.48 -19.33
N LEU B 106 -19.98 -17.59 -20.32
CA LEU B 106 -19.51 -17.96 -21.67
C LEU B 106 -18.17 -17.28 -22.05
N GLY B 107 -17.79 -16.25 -21.28
CA GLY B 107 -16.45 -15.69 -21.39
C GLY B 107 -16.41 -14.18 -21.28
N SER B 108 -15.32 -13.57 -21.75
CA SER B 108 -15.28 -12.12 -21.85
C SER B 108 -14.27 -11.68 -22.86
N GLY B 109 -14.31 -10.41 -23.24
CA GLY B 109 -13.17 -9.73 -23.86
C GLY B 109 -12.22 -9.26 -22.78
N GLU B 110 -11.56 -8.13 -22.98
CA GLU B 110 -10.47 -7.73 -22.11
C GLU B 110 -10.83 -7.83 -20.63
N VAL B 111 -9.87 -8.28 -19.83
CA VAL B 111 -9.97 -8.16 -18.40
C VAL B 111 -8.69 -7.55 -17.92
N LYS B 112 -8.79 -6.65 -16.95
CA LYS B 112 -7.61 -5.98 -16.43
C LYS B 112 -7.65 -5.99 -14.90
N PHE B 113 -6.52 -6.32 -14.29
CA PHE B 113 -6.32 -6.14 -12.87
C PHE B 113 -5.25 -5.07 -12.66
N PHE B 114 -5.58 -4.03 -11.92
CA PHE B 114 -4.61 -2.99 -11.65
C PHE B 114 -4.66 -2.49 -10.21
N GLY B 115 -5.17 -3.32 -9.31
CA GLY B 115 -5.05 -3.07 -7.89
C GLY B 115 -5.39 -4.35 -7.18
N GLN B 116 -5.51 -4.28 -5.86
CA GLN B 116 -5.71 -5.50 -5.09
C GLN B 116 -6.58 -5.27 -3.88
N VAL B 117 -7.19 -6.33 -3.41
CA VAL B 117 -8.03 -6.31 -2.23
C VAL B 117 -7.23 -6.97 -1.11
N LEU B 118 -6.72 -6.14 -0.20
CA LEU B 118 -5.97 -6.59 0.96
C LEU B 118 -6.90 -6.83 2.15
N PRO B 119 -6.43 -7.60 3.11
CA PRO B 119 -7.31 -7.94 4.21
C PRO B 119 -7.60 -6.77 5.16
N THR B 120 -6.95 -5.63 4.92
CA THR B 120 -7.24 -4.42 5.68
C THR B 120 -8.38 -3.62 5.05
N ALA B 121 -8.90 -4.10 3.94
CA ALA B 121 -10.08 -3.51 3.29
C ALA B 121 -11.37 -3.65 4.10
N LYS B 122 -12.32 -2.75 3.85
CA LYS B 122 -13.65 -2.79 4.47
C LYS B 122 -14.74 -3.36 3.51
N LYS B 123 -14.80 -2.87 2.26
CA LYS B 123 -15.87 -3.30 1.35
C LYS B 123 -15.50 -3.28 -0.13
N VAL B 124 -15.84 -4.35 -0.82
CA VAL B 124 -15.70 -4.38 -2.28
C VAL B 124 -17.03 -4.06 -2.92
N THR B 125 -17.03 -3.26 -3.98
CA THR B 125 -18.24 -2.94 -4.70
C THR B 125 -18.11 -3.25 -6.18
N TYR B 126 -19.11 -3.95 -6.72
CA TYR B 126 -19.20 -4.25 -8.15
C TYR B 126 -20.18 -3.33 -8.83
N ASN B 127 -19.78 -2.82 -9.98
CA ASN B 127 -20.68 -2.06 -10.83
C ASN B 127 -20.72 -2.78 -12.16
N ILE B 128 -21.90 -3.25 -12.57
CA ILE B 128 -22.09 -3.94 -13.85
C ILE B 128 -23.04 -3.15 -14.74
N HIS B 129 -22.67 -2.98 -16.00
CA HIS B 129 -23.49 -2.24 -16.98
C HIS B 129 -23.87 -3.14 -18.08
N ILE B 130 -25.16 -3.33 -18.29
CA ILE B 130 -25.62 -4.29 -19.26
C ILE B 130 -25.53 -3.62 -20.60
N LYS B 131 -24.91 -4.30 -21.56
CA LYS B 131 -24.71 -3.75 -22.88
C LYS B 131 -25.76 -4.26 -23.85
N ARG B 132 -26.15 -5.50 -23.70
CA ARG B 132 -27.06 -6.13 -24.66
C ARG B 132 -27.61 -7.40 -24.06
N THR B 133 -28.88 -7.69 -24.33
CA THR B 133 -29.41 -9.03 -24.07
C THR B 133 -29.90 -9.59 -25.40
N ILE B 134 -29.42 -10.78 -25.76
CA ILE B 134 -29.84 -11.46 -26.97
C ILE B 134 -30.80 -12.58 -26.63
N ASN B 135 -31.86 -12.70 -27.42
CA ASN B 135 -32.88 -13.71 -27.18
C ASN B 135 -33.01 -14.54 -28.44
N LEU B 138 -30.97 -19.27 -27.88
CA LEU B 138 -30.45 -19.20 -26.51
C LEU B 138 -30.45 -17.76 -25.99
N VAL B 139 -30.74 -17.60 -24.69
CA VAL B 139 -30.86 -16.29 -24.06
C VAL B 139 -29.56 -15.90 -23.40
N LEU B 140 -29.00 -14.74 -23.73
CA LEU B 140 -27.73 -14.34 -23.12
C LEU B 140 -27.55 -12.84 -22.92
N ALA B 141 -26.64 -12.48 -22.00
CA ALA B 141 -26.39 -11.07 -21.65
C ALA B 141 -24.93 -10.71 -21.86
N ILE B 142 -24.67 -9.50 -22.33
CA ILE B 142 -23.30 -8.99 -22.47
C ILE B 142 -23.21 -7.75 -21.61
N ALA B 143 -22.19 -7.68 -20.79
CA ALA B 143 -22.04 -6.52 -19.93
C ALA B 143 -20.60 -6.14 -19.76
N ASP B 144 -20.38 -4.90 -19.35
CA ASP B 144 -19.08 -4.48 -18.81
C ASP B 144 -19.17 -4.39 -17.30
N GLY B 145 -18.05 -4.62 -16.65
CA GLY B 145 -18.01 -4.53 -15.20
C GLY B 145 -16.72 -3.98 -14.66
N THR B 146 -16.80 -3.35 -13.49
CA THR B 146 -15.63 -2.94 -12.75
C THR B 146 -15.77 -3.40 -11.27
N VAL B 147 -14.65 -3.58 -10.61
CA VAL B 147 -14.59 -3.92 -9.20
C VAL B 147 -13.80 -2.87 -8.45
N SER B 148 -14.29 -2.45 -7.30
CA SER B 148 -13.68 -1.37 -6.53
C SER B 148 -13.58 -1.76 -5.06
N VAL B 149 -12.57 -1.21 -4.39
CA VAL B 149 -12.30 -1.52 -3.00
C VAL B 149 -12.19 -0.21 -2.27
N ASP B 150 -13.06 -0.04 -1.29
CA ASP B 150 -13.19 1.19 -0.51
C ASP B 150 -13.03 2.44 -1.36
N GLY B 151 -13.74 2.47 -2.49
CA GLY B 151 -13.85 3.66 -3.30
C GLY B 151 -12.94 3.66 -4.52
N ARG B 152 -12.04 2.68 -4.58
CA ARG B 152 -10.96 2.68 -5.56
C ARG B 152 -11.13 1.60 -6.58
N GLU B 153 -11.08 1.99 -7.85
CA GLU B 153 -11.36 1.08 -8.96
C GLU B 153 -10.13 0.21 -9.17
N ILE B 154 -10.28 -1.11 -9.19
CA ILE B 154 -9.11 -1.97 -9.30
C ILE B 154 -9.14 -3.00 -10.41
N TYR B 155 -10.31 -3.52 -10.75
CA TYR B 155 -10.45 -4.41 -11.94
C TYR B 155 -11.42 -3.89 -12.96
N SER B 156 -11.24 -4.26 -14.22
CA SER B 156 -12.25 -4.01 -15.26
C SER B 156 -12.41 -5.22 -16.18
N ALA B 157 -13.62 -5.41 -16.69
CA ALA B 157 -13.94 -6.50 -17.63
C ALA B 157 -14.87 -5.97 -18.70
N GLU B 158 -14.50 -6.12 -19.96
CA GLU B 158 -15.34 -5.77 -21.08
C GLU B 158 -15.91 -7.04 -21.69
N GLY B 159 -17.21 -7.02 -22.00
CA GLY B 159 -17.82 -8.03 -22.83
C GLY B 159 -17.94 -9.34 -22.07
N LEU B 160 -18.27 -9.23 -20.78
CA LEU B 160 -18.67 -10.39 -20.02
C LEU B 160 -19.90 -10.99 -20.69
N ARG B 161 -19.95 -12.31 -20.81
CA ARG B 161 -21.08 -13.01 -21.40
C ARG B 161 -21.54 -14.12 -20.47
N VAL B 162 -22.84 -14.13 -20.20
CA VAL B 162 -23.48 -15.25 -19.53
C VAL B 162 -24.72 -15.68 -20.30
N GLY B 163 -24.89 -17.00 -20.44
CA GLY B 163 -26.06 -17.54 -21.06
C GLY B 163 -26.87 -18.38 -20.10
N LEU B 164 -28.13 -18.60 -20.44
CA LEU B 164 -29.03 -19.45 -19.70
C LEU B 164 -29.36 -20.65 -20.56
N PHE B 165 -29.52 -21.78 -19.88
CA PHE B 165 -29.66 -23.05 -20.54
C PHE B 165 -30.81 -23.85 -19.96
N THR B 166 -31.76 -24.20 -20.81
CA THR B 166 -32.94 -24.93 -20.39
C THR B 166 -32.72 -26.44 -20.51
N SER B 167 -33.75 -27.22 -20.20
CA SER B 167 -33.78 -28.67 -20.48
C SER B 167 -33.21 -29.01 -21.86
N THR B 168 -33.62 -28.23 -22.86
CA THR B 168 -33.29 -28.51 -24.26
C THR B 168 -31.94 -27.92 -24.72
N ASP B 169 -31.26 -27.20 -23.82
CA ASP B 169 -30.00 -26.55 -24.13
C ASP B 169 -28.81 -27.29 -23.49
N SER B 170 -27.84 -27.60 -24.34
CA SER B 170 -26.64 -28.35 -24.01
C SER B 170 -25.38 -27.52 -24.27
N PHE B 171 -24.29 -27.86 -23.60
CA PHE B 171 -23.02 -27.17 -23.82
C PHE B 171 -22.24 -27.72 -25.04
N THR C 2 41.24 21.02 26.16
CA THR C 2 41.94 21.30 24.86
C THR C 2 41.86 22.77 24.49
N LYS C 3 42.63 23.12 23.47
CA LYS C 3 42.95 24.51 23.17
C LYS C 3 41.84 25.18 22.37
N GLN C 4 41.12 24.39 21.57
CA GLN C 4 40.14 24.93 20.66
C GLN C 4 38.73 24.80 21.24
N HIS C 5 37.97 25.88 21.15
CA HIS C 5 36.72 25.99 21.90
C HIS C 5 35.52 26.06 20.99
N ALA C 6 35.76 25.96 19.69
CA ALA C 6 34.69 26.03 18.72
C ALA C 6 35.15 25.31 17.47
N PHE C 7 34.22 24.64 16.80
CA PHE C 7 34.57 23.84 15.62
C PHE C 7 33.61 24.12 14.46
N THR C 8 34.15 24.29 13.27
CA THR C 8 33.36 24.48 12.07
C THR C 8 32.88 23.14 11.54
N ARG C 9 32.01 23.19 10.55
CA ARG C 9 31.46 21.97 10.01
C ARG C 9 32.56 21.09 9.43
N GLU C 10 33.56 21.74 8.85
CA GLU C 10 34.67 21.01 8.22
C GLU C 10 35.53 20.37 9.30
N ASP C 11 35.66 21.03 10.44
CA ASP C 11 36.29 20.40 11.57
C ASP C 11 35.53 19.09 11.89
N LEU C 12 34.21 19.17 11.93
CA LEU C 12 33.41 18.02 12.32
C LEU C 12 33.54 16.93 11.29
N LEU C 13 33.55 17.30 10.01
CA LEU C 13 33.72 16.31 8.96
C LEU C 13 35.10 15.65 9.03
N ARG C 14 36.11 16.42 9.43
CA ARG C 14 37.46 15.88 9.61
C ARG C 14 37.43 14.89 10.78
N CYS C 15 36.73 15.25 11.86
CA CYS C 15 36.52 14.33 12.97
C CYS C 15 35.85 13.03 12.52
N SER C 16 34.84 13.14 11.66
CA SER C 16 34.12 11.97 11.19
C SER C 16 34.98 10.99 10.40
N ARG C 17 36.06 11.48 9.76
CA ARG C 17 36.99 10.65 9.03
C ARG C 17 38.09 10.10 9.91
N GLY C 18 38.05 10.41 11.20
CA GLY C 18 39.04 9.89 12.13
C GLY C 18 40.27 10.77 12.23
N GLU C 19 40.18 11.97 11.67
CA GLU C 19 41.35 12.77 11.42
C GLU C 19 41.47 13.96 12.37
N LEU C 20 40.56 14.11 13.30
CA LEU C 20 40.69 15.18 14.30
C LEU C 20 41.37 14.65 15.55
N PHE C 21 40.89 13.51 16.02
CA PHE C 21 41.40 12.93 17.26
C PHE C 21 42.31 11.76 17.04
N GLY C 22 42.48 11.37 15.77
CA GLY C 22 43.43 10.31 15.45
C GLY C 22 42.82 8.93 15.42
N PRO C 23 43.59 7.99 14.87
CA PRO C 23 43.12 6.62 14.71
C PRO C 23 42.89 5.97 16.07
N GLY C 24 41.82 5.18 16.18
CA GLY C 24 41.46 4.53 17.43
C GLY C 24 40.62 5.38 18.39
N ASN C 25 40.43 6.65 18.07
CA ASN C 25 39.72 7.51 19.00
C ASN C 25 38.35 7.96 18.49
N ALA C 26 37.68 8.83 19.24
CA ALA C 26 36.29 9.12 18.95
C ALA C 26 36.14 9.72 17.56
N GLN C 27 35.15 9.22 16.82
CA GLN C 27 34.67 9.87 15.61
C GLN C 27 33.20 10.27 15.78
N LEU C 28 32.85 11.44 15.28
CA LEU C 28 31.47 11.70 14.91
C LEU C 28 31.09 10.83 13.71
N PRO C 29 29.79 10.65 13.51
CA PRO C 29 29.34 10.01 12.29
C PRO C 29 29.38 10.97 11.14
N ALA C 30 29.44 10.44 9.92
CA ALA C 30 29.31 11.22 8.70
C ALA C 30 27.84 11.42 8.34
N PRO C 31 27.56 12.37 7.41
CA PRO C 31 26.22 12.45 6.86
C PRO C 31 25.84 11.10 6.29
N ASN C 32 24.58 10.69 6.41
CA ASN C 32 23.51 11.54 6.91
C ASN C 32 23.17 11.31 8.37
N MET C 33 24.06 10.69 9.14
CA MET C 33 23.80 10.52 10.59
C MET C 33 24.32 11.68 11.43
N LEU C 34 25.28 12.43 10.90
CA LEU C 34 25.81 13.56 11.62
C LEU C 34 24.70 14.59 11.83
N MET C 35 24.42 14.97 13.08
CA MET C 35 23.32 15.89 13.34
C MET C 35 23.74 17.26 13.80
N ILE C 36 25.00 17.63 13.53
CA ILE C 36 25.56 18.89 14.00
C ILE C 36 26.31 19.58 12.89
N ASP C 37 26.13 20.89 12.77
CA ASP C 37 26.83 21.68 11.77
C ASP C 37 28.04 22.31 12.41
N ARG C 38 27.91 22.75 13.64
CA ARG C 38 29.05 23.37 14.30
C ARG C 38 28.95 23.36 15.81
N ILE C 39 30.10 23.39 16.47
CA ILE C 39 30.14 23.47 17.92
C ILE C 39 30.57 24.87 18.27
N VAL C 40 29.67 25.60 18.92
CA VAL C 40 29.86 27.02 19.10
C VAL C 40 30.70 27.29 20.33
N HIS C 41 30.54 26.44 21.33
CA HIS C 41 31.30 26.56 22.56
C HIS C 41 31.46 25.17 23.10
N ILE C 42 32.69 24.79 23.41
CA ILE C 42 32.94 23.58 24.14
C ILE C 42 34.01 23.94 25.14
N SER C 43 33.75 23.68 26.42
CA SER C 43 34.81 23.79 27.40
C SER C 43 34.66 22.73 28.47
N ASP C 44 35.68 22.58 29.28
CA ASP C 44 35.66 21.64 30.38
C ASP C 44 35.54 22.31 31.75
N VAL C 45 35.18 23.60 31.78
CA VAL C 45 34.80 24.26 33.04
C VAL C 45 33.46 24.95 32.88
N GLY C 46 32.87 25.37 33.99
CA GLY C 46 31.51 25.93 33.95
C GLY C 46 30.48 24.92 33.50
N GLY C 47 29.40 25.42 32.90
CA GLY C 47 28.21 24.59 32.71
C GLY C 47 27.46 24.50 34.02
N LYS C 48 26.29 23.91 33.94
CA LYS C 48 25.37 23.73 35.09
C LYS C 48 26.05 23.09 36.28
N TYR C 49 27.00 22.20 36.03
CA TYR C 49 27.59 21.40 37.10
C TYR C 49 29.02 21.76 37.36
N GLY C 50 29.54 22.71 36.58
CA GLY C 50 30.92 23.15 36.73
C GLY C 50 31.92 22.19 36.13
N LYS C 51 31.44 21.24 35.33
CA LYS C 51 32.29 20.20 34.79
C LYS C 51 32.35 20.27 33.27
N GLY C 52 31.91 21.38 32.71
CA GLY C 52 31.93 21.57 31.27
C GLY C 52 30.57 21.76 30.64
N GLU C 53 30.59 22.10 29.35
CA GLU C 53 29.42 22.56 28.60
C GLU C 53 29.74 22.37 27.10
N LEU C 54 28.76 21.99 26.30
CA LEU C 54 28.83 22.20 24.87
C LEU C 54 27.62 22.97 24.40
N VAL C 55 27.83 23.85 23.45
CA VAL C 55 26.74 24.44 22.71
C VAL C 55 27.01 24.19 21.23
N ALA C 56 26.03 23.60 20.56
CA ALA C 56 26.20 23.15 19.20
C ALA C 56 24.95 23.56 18.38
N GLU C 57 25.09 23.74 17.06
CA GLU C 57 23.95 24.14 16.20
C GLU C 57 23.78 23.17 15.03
N LEU C 58 22.53 22.96 14.61
CA LEU C 58 22.22 22.40 13.28
C LEU C 58 21.32 23.37 12.49
N ASP C 59 21.75 23.80 11.31
CA ASP C 59 20.95 24.63 10.43
C ASP C 59 19.85 23.79 9.78
N ILE C 60 18.65 24.39 9.72
CA ILE C 60 17.47 23.73 9.19
C ILE C 60 17.10 24.37 7.85
N ASN C 61 16.83 23.53 6.86
CA ASN C 61 16.19 23.95 5.63
C ASN C 61 15.35 22.80 5.11
N PRO C 62 14.37 23.10 4.24
CA PRO C 62 13.36 22.12 3.86
C PRO C 62 13.92 20.91 3.14
N ASP C 63 15.17 21.04 2.68
CA ASP C 63 15.81 20.02 1.88
C ASP C 63 16.53 18.94 2.69
N LEU C 64 16.67 19.11 4.00
CA LEU C 64 17.21 18.04 4.81
C LEU C 64 16.44 16.71 4.58
N TRP C 65 17.20 15.61 4.45
CA TRP C 65 16.66 14.36 3.92
C TRP C 65 15.54 13.76 4.73
N PHE C 66 15.61 13.89 6.06
CA PHE C 66 14.58 13.28 6.90
C PHE C 66 13.19 13.89 6.73
N PHE C 67 13.11 15.13 6.22
CA PHE C 67 11.82 15.80 6.08
C PHE C 67 10.99 15.07 5.04
N ALA C 68 11.63 14.56 4.01
CA ALA C 68 10.91 13.87 2.93
C ALA C 68 10.19 12.63 3.47
N CYS C 69 10.90 11.83 4.27
CA CYS C 69 10.42 10.51 4.65
C CYS C 69 9.78 10.47 6.06
N HIS C 70 9.78 11.60 6.77
CA HIS C 70 9.25 11.63 8.13
C HIS C 70 8.50 12.92 8.40
N PHE C 71 7.22 13.05 8.02
CA PHE C 71 6.47 12.07 7.22
C PHE C 71 5.97 12.69 5.91
N GLU C 72 5.65 11.84 4.94
CA GLU C 72 5.06 12.33 3.70
C GLU C 72 3.84 13.17 4.05
N GLY C 73 3.85 14.42 3.59
CA GLY C 73 2.73 15.32 3.76
C GLY C 73 2.72 16.03 5.09
N ASP C 74 3.74 15.77 5.90
CA ASP C 74 3.77 16.18 7.32
C ASP C 74 5.21 16.11 7.85
N PRO C 75 6.10 16.88 7.21
CA PRO C 75 7.51 16.84 7.58
C PRO C 75 7.77 17.38 8.98
N VAL C 76 8.61 16.66 9.73
CA VAL C 76 9.03 17.07 11.07
C VAL C 76 10.30 16.32 11.43
N MET C 77 11.27 17.01 12.03
CA MET C 77 12.51 16.33 12.38
C MET C 77 12.24 15.22 13.38
N PRO C 78 12.84 14.03 13.19
CA PRO C 78 12.69 12.96 14.15
C PRO C 78 13.33 13.32 15.49
N GLY C 79 12.63 13.02 16.57
CA GLY C 79 13.18 13.24 17.89
C GLY C 79 14.41 12.40 18.14
N CYS C 80 14.40 11.13 17.72
CA CYS C 80 15.54 10.28 17.93
C CYS C 80 16.83 10.88 17.35
N LEU C 81 16.72 11.66 16.30
CA LEU C 81 17.92 12.26 15.72
C LEU C 81 18.44 13.44 16.54
N GLY C 82 17.55 14.24 17.10
CA GLY C 82 17.97 15.27 18.04
C GLY C 82 18.58 14.68 19.29
N LEU C 83 18.05 13.54 19.71
CA LEU C 83 18.62 12.82 20.81
C LEU C 83 20.04 12.38 20.45
N ASP C 84 20.22 11.83 19.25
CA ASP C 84 21.53 11.28 18.89
C ASP C 84 22.59 12.39 18.80
N ALA C 85 22.15 13.58 18.38
CA ALA C 85 23.01 14.77 18.45
C ALA C 85 23.64 14.94 19.84
N MET C 86 22.86 14.66 20.87
CA MET C 86 23.34 14.88 22.22
C MET C 86 24.37 13.82 22.54
N TRP C 87 24.09 12.57 22.16
CA TRP C 87 25.07 11.53 22.40
C TRP C 87 26.32 11.82 21.59
N GLN C 88 26.13 12.23 20.35
CA GLN C 88 27.25 12.47 19.47
C GLN C 88 28.13 13.48 20.22
N LEU C 89 27.52 14.55 20.70
CA LEU C 89 28.25 15.61 21.35
C LEU C 89 28.99 15.15 22.61
N VAL C 90 28.36 14.33 23.44
CA VAL C 90 29.05 13.85 24.63
C VAL C 90 30.29 13.03 24.24
N GLY C 91 30.17 12.23 23.19
CA GLY C 91 31.30 11.43 22.72
C GLY C 91 32.45 12.30 22.20
N PHE C 92 32.11 13.33 21.43
CA PHE C 92 33.08 14.34 21.02
C PHE C 92 33.82 14.92 22.23
N TYR C 93 33.08 15.27 23.27
CA TYR C 93 33.68 15.82 24.47
C TYR C 93 34.78 14.89 24.95
N LEU C 94 34.45 13.60 25.05
CA LEU C 94 35.40 12.65 25.64
C LEU C 94 36.69 12.60 24.84
N GLY C 95 36.55 12.60 23.52
CA GLY C 95 37.71 12.59 22.63
C GLY C 95 38.46 13.89 22.79
N TRP C 96 37.70 14.97 22.90
CA TRP C 96 38.27 16.30 22.92
C TRP C 96 39.06 16.51 24.16
N GLN C 97 38.66 15.87 25.24
CA GLN C 97 39.48 15.84 26.45
C GLN C 97 40.81 15.07 26.31
N GLY C 98 40.96 14.24 25.29
CA GLY C 98 42.21 13.54 25.08
C GLY C 98 42.20 12.07 25.49
N ASN C 99 41.02 11.55 25.78
CA ASN C 99 40.89 10.12 26.09
C ASN C 99 40.92 9.27 24.83
N PRO C 100 41.46 8.05 24.94
CA PRO C 100 41.50 7.15 23.82
C PRO C 100 40.27 6.25 23.73
N GLY C 101 40.02 5.72 22.54
CA GLY C 101 38.99 4.73 22.32
C GLY C 101 37.79 5.22 21.55
N ARG C 102 37.02 4.28 21.04
CA ARG C 102 35.87 4.58 20.18
C ARG C 102 34.63 4.76 21.04
N GLY C 103 33.71 5.60 20.62
CA GLY C 103 32.58 6.03 21.45
C GLY C 103 31.31 5.24 21.18
N ARG C 104 30.56 4.97 22.25
CA ARG C 104 29.25 4.32 22.15
C ARG C 104 28.27 4.89 23.19
N ALA C 105 27.08 5.29 22.74
CA ALA C 105 26.01 5.72 23.63
C ALA C 105 25.56 4.56 24.51
N LEU C 106 25.37 4.81 25.80
CA LEU C 106 25.02 3.74 26.75
C LEU C 106 23.60 3.89 27.25
N GLY C 107 23.03 5.08 27.10
CA GLY C 107 21.60 5.26 27.31
C GLY C 107 21.25 6.61 27.92
N SER C 108 20.06 6.71 28.51
CA SER C 108 19.75 7.86 29.34
C SER C 108 18.65 7.51 30.33
N GLY C 109 18.46 8.38 31.31
CA GLY C 109 17.22 8.44 32.07
C GLY C 109 16.17 9.19 31.28
N GLU C 110 15.33 9.94 31.97
CA GLU C 110 14.19 10.55 31.31
C GLU C 110 14.55 11.28 30.01
N VAL C 111 13.75 11.07 28.98
CA VAL C 111 13.80 11.91 27.78
C VAL C 111 12.41 12.47 27.53
N LYS C 112 12.31 13.75 27.20
CA LYS C 112 11.01 14.37 26.93
C LYS C 112 11.03 15.11 25.59
N PHE C 113 10.01 14.85 24.77
CA PHE C 113 9.77 15.65 23.58
C PHE C 113 8.50 16.45 23.77
N PHE C 114 8.57 17.77 23.72
CA PHE C 114 7.40 18.62 23.89
C PHE C 114 7.38 19.80 22.90
N GLY C 115 8.03 19.62 21.77
CA GLY C 115 7.85 20.50 20.63
C GLY C 115 8.41 19.79 19.45
N GLN C 116 8.53 20.52 18.32
CA GLN C 116 9.01 19.90 17.09
C GLN C 116 9.76 20.86 16.22
N VAL C 117 10.51 20.30 15.28
CA VAL C 117 11.25 21.10 14.30
C VAL C 117 10.69 20.92 12.88
N LEU C 118 10.00 21.95 12.42
CA LEU C 118 9.42 22.01 11.09
C LEU C 118 10.42 22.56 10.08
N PRO C 119 10.18 22.28 8.81
CA PRO C 119 11.18 22.65 7.82
C PRO C 119 11.27 24.17 7.60
N THR C 120 10.35 24.91 8.22
CA THR C 120 10.36 26.35 8.10
C THR C 120 11.22 27.00 9.17
N ALA C 121 11.76 26.18 10.09
CA ALA C 121 12.65 26.67 11.16
C ALA C 121 14.00 27.09 10.57
N LYS C 122 14.76 27.87 11.34
CA LYS C 122 16.08 28.34 10.92
C LYS C 122 17.20 27.53 11.55
N LYS C 123 17.15 27.33 12.88
CA LYS C 123 18.30 26.73 13.56
C LYS C 123 17.94 25.95 14.83
N VAL C 124 18.45 24.72 14.94
CA VAL C 124 18.37 23.94 16.19
C VAL C 124 19.65 24.13 16.97
N THR C 125 19.52 24.28 18.29
CA THR C 125 20.68 24.46 19.15
C THR C 125 20.65 23.46 20.27
N TYR C 126 21.80 22.82 20.52
CA TYR C 126 21.95 21.85 21.59
C TYR C 126 22.77 22.42 22.70
N ASN C 127 22.28 22.27 23.93
CA ASN C 127 23.02 22.70 25.12
C ASN C 127 23.21 21.45 25.94
N ILE C 128 24.45 21.03 26.14
CA ILE C 128 24.80 19.85 26.93
C ILE C 128 25.61 20.29 28.14
N HIS C 129 25.26 19.76 29.30
CA HIS C 129 25.97 20.05 30.54
C HIS C 129 26.55 18.78 31.08
N ILE C 130 27.87 18.75 31.25
CA ILE C 130 28.55 17.53 31.69
C ILE C 130 28.38 17.45 33.18
N LYS C 131 27.94 16.29 33.65
CA LYS C 131 27.63 16.09 35.05
C LYS C 131 28.76 15.39 35.73
N ARG C 132 29.39 14.47 35.05
CA ARG C 132 30.42 13.64 35.66
C ARG C 132 31.19 12.93 34.56
N THR C 133 32.49 12.78 34.77
CA THR C 133 33.26 11.86 33.97
C THR C 133 33.89 10.85 34.90
N ILE C 134 33.65 9.56 34.63
CA ILE C 134 34.24 8.49 35.42
C ILE C 134 35.39 7.88 34.63
N ASN C 135 36.50 7.63 35.32
CA ASN C 135 37.71 7.17 34.67
C ASN C 135 38.21 5.89 35.31
N LEU C 138 37.04 1.50 32.50
CA LEU C 138 36.45 2.17 31.33
C LEU C 138 36.18 3.66 31.58
N VAL C 139 36.29 4.46 30.53
CA VAL C 139 36.09 5.91 30.65
C VAL C 139 34.69 6.27 30.16
N LEU C 140 33.91 6.99 30.97
CA LEU C 140 32.59 7.41 30.52
C LEU C 140 32.09 8.76 31.05
N ALA C 141 31.07 9.30 30.40
CA ALA C 141 30.56 10.63 30.73
C ALA C 141 29.07 10.57 30.98
N ILE C 142 28.61 11.37 31.94
CA ILE C 142 27.18 11.54 32.17
C ILE C 142 26.80 13.00 32.03
N ALA C 143 25.72 13.30 31.32
CA ALA C 143 25.36 14.70 31.04
C ALA C 143 23.86 14.86 31.00
N ASP C 144 23.43 16.11 31.13
CA ASP C 144 22.06 16.51 30.79
C ASP C 144 22.10 17.30 29.52
N GLY C 145 21.03 17.24 28.76
CA GLY C 145 20.93 18.02 27.53
C GLY C 145 19.54 18.56 27.25
N THR C 146 19.49 19.63 26.46
CA THR C 146 18.24 20.12 25.91
C THR C 146 18.44 20.47 24.45
N VAL C 147 17.34 20.44 23.71
CA VAL C 147 17.32 20.83 22.32
C VAL C 147 16.35 21.99 22.12
N SER C 148 16.74 22.99 21.36
CA SER C 148 15.93 24.19 21.16
C SER C 148 15.87 24.58 19.70
N VAL C 149 14.74 25.15 19.30
CA VAL C 149 14.52 25.51 17.92
C VAL C 149 14.16 26.96 17.93
N ASP C 150 14.97 27.73 17.20
CA ASP C 150 14.82 29.17 17.11
C ASP C 150 14.44 29.80 18.45
N GLY C 151 15.18 29.44 19.49
CA GLY C 151 15.05 30.09 20.78
C GLY C 151 14.13 29.37 21.75
N ARG C 152 13.41 28.37 21.26
CA ARG C 152 12.42 27.67 22.04
C ARG C 152 12.85 26.26 22.45
N GLU C 153 12.73 25.95 23.74
CA GLU C 153 13.14 24.65 24.27
C GLU C 153 12.11 23.57 23.89
N ILE C 154 12.53 22.49 23.25
CA ILE C 154 11.58 21.48 22.84
C ILE C 154 11.83 20.06 23.37
N TYR C 155 13.08 19.65 23.48
CA TYR C 155 13.40 18.34 24.07
C TYR C 155 14.29 18.49 25.27
N SER C 156 14.24 17.48 26.14
CA SER C 156 15.16 17.40 27.28
C SER C 156 15.57 15.97 27.51
N ALA C 157 16.75 15.80 28.10
CA ALA C 157 17.28 14.48 28.41
C ALA C 157 18.10 14.60 29.67
N GLU C 158 17.80 13.75 30.64
CA GLU C 158 18.59 13.65 31.86
C GLU C 158 19.38 12.35 31.87
N GLY C 159 20.64 12.43 32.28
CA GLY C 159 21.45 11.25 32.48
C GLY C 159 21.82 10.57 31.18
N LEU C 160 22.16 11.35 30.16
CA LEU C 160 22.80 10.82 28.96
C LEU C 160 24.12 10.18 29.37
N ARG C 161 24.42 9.01 28.82
CA ARG C 161 25.66 8.28 29.09
C ARG C 161 26.34 7.84 27.81
N VAL C 162 27.64 8.11 27.72
CA VAL C 162 28.47 7.63 26.62
C VAL C 162 29.82 7.14 27.13
N GLY C 163 30.27 6.03 26.59
CA GLY C 163 31.52 5.42 27.03
C GLY C 163 32.48 5.32 25.87
N LEU C 164 33.78 5.19 26.19
CA LEU C 164 34.82 5.01 25.19
C LEU C 164 35.46 3.66 25.36
N PHE C 165 35.86 3.06 24.24
CA PHE C 165 36.23 1.66 24.20
C PHE C 165 37.47 1.39 23.34
N THR C 166 38.46 0.69 23.91
CA THR C 166 39.71 0.35 23.19
C THR C 166 39.81 -1.15 22.93
N LYS D 3 -7.77 -5.29 13.67
CA LYS D 3 -8.37 -6.67 13.63
C LYS D 3 -7.50 -7.65 12.84
N GLN D 4 -6.60 -7.10 12.03
CA GLN D 4 -5.52 -7.88 11.42
C GLN D 4 -4.38 -7.93 12.42
N HIS D 5 -3.71 -9.09 12.53
CA HIS D 5 -2.71 -9.32 13.57
C HIS D 5 -1.28 -9.43 13.08
N ALA D 6 -1.05 -9.17 11.80
CA ALA D 6 0.32 -9.08 11.25
C ALA D 6 0.31 -8.17 10.02
N PHE D 7 1.47 -7.59 9.70
CA PHE D 7 1.61 -6.75 8.51
C PHE D 7 2.90 -7.01 7.73
N THR D 8 2.79 -7.06 6.39
CA THR D 8 3.96 -7.23 5.55
C THR D 8 4.66 -5.88 5.36
N ARG D 9 5.84 -5.91 4.75
CA ARG D 9 6.57 -4.66 4.48
C ARG D 9 5.76 -3.70 3.59
N GLU D 10 5.02 -4.25 2.66
CA GLU D 10 4.21 -3.44 1.76
C GLU D 10 3.03 -2.81 2.50
N ASP D 11 2.48 -3.51 3.49
CA ASP D 11 1.48 -2.93 4.37
C ASP D 11 2.11 -1.69 5.03
N LEU D 12 3.36 -1.84 5.49
CA LEU D 12 4.01 -0.77 6.24
C LEU D 12 4.33 0.41 5.32
N LEU D 13 4.77 0.11 4.10
CA LEU D 13 5.05 1.17 3.14
C LEU D 13 3.76 1.89 2.75
N ARG D 14 2.67 1.16 2.74
CA ARG D 14 1.40 1.76 2.41
C ARG D 14 0.99 2.66 3.60
N CYS D 15 1.20 2.19 4.81
CA CYS D 15 0.99 3.03 5.98
C CYS D 15 1.78 4.32 5.89
N SER D 16 3.02 4.21 5.45
CA SER D 16 3.92 5.38 5.43
C SER D 16 3.43 6.47 4.46
N ARG D 17 2.69 6.07 3.45
CA ARG D 17 2.17 7.03 2.47
C ARG D 17 0.82 7.57 2.91
N GLY D 18 0.36 7.15 4.08
CA GLY D 18 -0.90 7.66 4.60
C GLY D 18 -2.07 6.84 4.09
N GLU D 19 -1.78 5.68 3.53
CA GLU D 19 -2.79 4.94 2.78
C GLU D 19 -3.32 3.72 3.51
N LEU D 20 -2.84 3.45 4.72
CA LEU D 20 -3.41 2.37 5.50
C LEU D 20 -4.49 2.90 6.43
N PHE D 21 -4.20 3.99 7.12
CA PHE D 21 -5.11 4.50 8.12
C PHE D 21 -5.83 5.77 7.62
N GLY D 22 -5.45 6.26 6.44
CA GLY D 22 -6.05 7.48 5.88
C GLY D 22 -5.25 8.75 6.16
N PRO D 23 -5.47 9.81 5.34
CA PRO D 23 -4.79 11.08 5.50
C PRO D 23 -5.20 11.80 6.80
N GLY D 24 -4.23 12.38 7.49
CA GLY D 24 -4.47 12.95 8.82
C GLY D 24 -4.42 11.97 9.98
N ASN D 25 -4.23 10.68 9.72
CA ASN D 25 -4.06 9.69 10.79
C ASN D 25 -2.65 9.16 10.84
N ALA D 26 -2.40 8.19 11.72
CA ALA D 26 -1.02 7.79 11.99
C ALA D 26 -0.32 7.32 10.73
N GLN D 27 0.91 7.79 10.50
CA GLN D 27 1.81 7.20 9.52
C GLN D 27 3.10 6.72 10.19
N LEU D 28 3.59 5.57 9.76
CA LEU D 28 5.01 5.29 9.85
C LEU D 28 5.81 6.23 8.95
N PRO D 29 7.10 6.38 9.24
CA PRO D 29 7.96 7.06 8.29
C PRO D 29 8.33 6.18 7.12
N ALA D 30 8.73 6.80 6.01
CA ALA D 30 9.23 6.10 4.81
C ALA D 30 10.70 5.84 4.95
N PRO D 31 11.26 4.96 4.08
CA PRO D 31 12.71 4.86 4.03
C PRO D 31 13.28 6.23 3.71
N ASN D 32 14.40 6.62 4.31
CA ASN D 32 15.23 5.71 5.10
C ASN D 32 15.04 5.83 6.60
N MET D 33 13.95 6.45 7.06
CA MET D 33 13.69 6.49 8.49
C MET D 33 12.91 5.28 9.01
N LEU D 34 12.24 4.58 8.12
CA LEU D 34 11.47 3.42 8.52
C LEU D 34 12.42 2.33 9.05
N MET D 35 12.24 1.91 10.29
CA MET D 35 13.15 0.93 10.87
C MET D 35 12.53 -0.44 11.11
N ILE D 36 11.47 -0.76 10.39
CA ILE D 36 10.76 -2.03 10.53
C ILE D 36 10.46 -2.62 9.17
N ASP D 37 10.66 -3.93 9.02
CA ASP D 37 10.32 -4.62 7.78
C ASP D 37 8.95 -5.29 7.88
N ARG D 38 8.62 -5.83 9.04
CA ARG D 38 7.31 -6.45 9.20
C ARG D 38 6.88 -6.49 10.64
N ILE D 39 5.57 -6.47 10.85
CA ILE D 39 5.00 -6.74 12.16
C ILE D 39 4.45 -8.17 12.18
N VAL D 40 5.06 -9.01 13.00
CA VAL D 40 4.79 -10.44 13.01
C VAL D 40 3.57 -10.74 13.89
N HIS D 41 3.37 -9.94 14.94
CA HIS D 41 2.24 -10.10 15.81
C HIS D 41 1.91 -8.77 16.42
N ILE D 42 0.64 -8.42 16.40
CA ILE D 42 0.15 -7.22 17.07
C ILE D 42 -1.22 -7.58 17.63
N SER D 43 -1.40 -7.40 18.93
CA SER D 43 -2.74 -7.50 19.48
C SER D 43 -2.94 -6.55 20.63
N ASP D 44 -4.19 -6.42 21.06
CA ASP D 44 -4.53 -5.56 22.17
C ASP D 44 -4.88 -6.35 23.44
N VAL D 45 -4.58 -7.65 23.48
CA VAL D 45 -4.63 -8.41 24.74
C VAL D 45 -3.29 -9.12 24.97
N GLY D 46 -3.12 -9.67 26.18
CA GLY D 46 -1.82 -10.24 26.55
C GLY D 46 -0.70 -9.22 26.53
N GLY D 47 0.52 -9.70 26.36
CA GLY D 47 1.70 -8.90 26.68
C GLY D 47 1.99 -8.94 28.18
N LYS D 48 3.11 -8.35 28.56
CA LYS D 48 3.55 -8.22 29.96
C LYS D 48 2.45 -7.70 30.90
N TYR D 49 1.62 -6.78 30.40
CA TYR D 49 0.71 -6.04 31.26
C TYR D 49 -0.72 -6.42 30.98
N GLY D 50 -0.92 -7.31 30.01
CA GLY D 50 -2.25 -7.73 29.62
C GLY D 50 -3.00 -6.68 28.81
N LYS D 51 -2.29 -5.66 28.31
CA LYS D 51 -2.92 -4.58 27.56
C LYS D 51 -2.43 -4.51 26.10
N GLY D 52 -1.82 -5.59 25.63
CA GLY D 52 -1.36 -5.66 24.25
C GLY D 52 0.14 -5.84 24.11
N GLU D 53 0.57 -6.11 22.88
CA GLU D 53 1.92 -6.57 22.54
C GLU D 53 2.14 -6.31 21.03
N LEU D 54 3.35 -5.93 20.64
CA LEU D 54 3.76 -6.04 19.25
C LEU D 54 5.07 -6.82 19.17
N VAL D 55 5.20 -7.60 18.10
CA VAL D 55 6.50 -8.21 17.74
C VAL D 55 6.78 -7.86 16.27
N ALA D 56 7.93 -7.25 16.04
CA ALA D 56 8.31 -6.77 14.68
C ALA D 56 9.75 -7.18 14.38
N GLU D 57 10.12 -7.17 13.10
CA GLU D 57 11.47 -7.54 12.69
C GLU D 57 12.05 -6.52 11.71
N LEU D 58 13.36 -6.31 11.79
CA LEU D 58 14.11 -5.58 10.77
C LEU D 58 15.25 -6.47 10.28
N ASP D 59 15.28 -6.74 8.98
CA ASP D 59 16.34 -7.55 8.38
C ASP D 59 17.59 -6.68 8.20
N ILE D 60 18.74 -7.29 8.46
CA ILE D 60 20.02 -6.57 8.44
C ILE D 60 20.87 -7.08 7.28
N ASN D 61 21.47 -6.16 6.54
CA ASN D 61 22.54 -6.49 5.62
C ASN D 61 23.55 -5.34 5.53
N PRO D 62 24.77 -5.64 5.07
CA PRO D 62 25.86 -4.66 5.14
C PRO D 62 25.58 -3.37 4.40
N ASP D 63 24.60 -3.42 3.51
CA ASP D 63 24.35 -2.35 2.55
C ASP D 63 23.41 -1.29 3.11
N LEU D 64 22.80 -1.55 4.28
CA LEU D 64 22.02 -0.52 4.94
C LEU D 64 22.82 0.77 5.12
N TRP D 65 22.15 1.89 4.83
CA TRP D 65 22.82 3.17 4.61
C TRP D 65 23.59 3.66 5.81
N PHE D 66 23.06 3.40 7.00
CA PHE D 66 23.68 3.95 8.20
C PHE D 66 25.03 3.31 8.54
N PHE D 67 25.30 2.10 8.01
CA PHE D 67 26.60 1.46 8.24
C PHE D 67 27.76 2.23 7.61
N ALA D 68 27.53 2.84 6.44
CA ALA D 68 28.61 3.56 5.73
C ALA D 68 29.02 4.81 6.52
N CYS D 69 28.06 5.50 7.16
CA CYS D 69 28.32 6.81 7.80
C CYS D 69 28.46 6.77 9.33
N HIS D 70 28.26 5.59 9.93
CA HIS D 70 28.17 5.47 11.39
C HIS D 70 28.78 4.17 11.86
N PHE D 71 30.10 4.07 11.96
CA PHE D 71 31.05 5.10 11.55
C PHE D 71 31.99 4.59 10.46
N GLU D 72 32.63 5.51 9.74
CA GLU D 72 33.68 5.15 8.76
C GLU D 72 34.74 4.31 9.44
N GLY D 73 34.98 3.12 8.90
CA GLY D 73 35.95 2.21 9.47
C GLY D 73 35.49 1.47 10.72
N ASP D 74 34.21 1.58 11.07
CA ASP D 74 33.69 1.07 12.33
C ASP D 74 32.16 1.06 12.30
N PRO D 75 31.57 0.24 11.41
CA PRO D 75 30.13 0.27 11.22
C PRO D 75 29.41 -0.33 12.42
N VAL D 76 28.36 0.35 12.88
CA VAL D 76 27.43 -0.20 13.85
C VAL D 76 26.09 0.55 13.80
N MET D 77 24.99 -0.17 13.91
CA MET D 77 23.70 0.49 13.83
C MET D 77 23.61 1.53 14.93
N PRO D 78 23.06 2.71 14.61
CA PRO D 78 22.81 3.67 15.65
C PRO D 78 21.73 3.24 16.62
N GLY D 79 21.98 3.43 17.91
CA GLY D 79 21.00 3.08 18.92
C GLY D 79 19.73 3.89 18.76
N CYS D 80 19.87 5.17 18.44
CA CYS D 80 18.70 6.03 18.34
C CYS D 80 17.72 5.46 17.35
N LEU D 81 18.21 4.76 16.34
CA LEU D 81 17.31 4.23 15.31
C LEU D 81 16.56 3.02 15.81
N GLY D 82 17.20 2.17 16.61
CA GLY D 82 16.48 1.07 17.24
C GLY D 82 15.48 1.56 18.28
N LEU D 83 15.82 2.66 18.94
CA LEU D 83 14.86 3.34 19.79
C LEU D 83 13.66 3.88 19.00
N ASP D 84 13.91 4.51 17.85
CA ASP D 84 12.81 5.11 17.10
C ASP D 84 11.87 4.01 16.58
N ALA D 85 12.41 2.84 16.25
CA ALA D 85 11.59 1.71 15.87
C ALA D 85 10.48 1.48 16.92
N MET D 86 10.81 1.69 18.18
CA MET D 86 9.89 1.36 19.25
C MET D 86 8.83 2.42 19.30
N TRP D 87 9.22 3.67 19.09
CA TRP D 87 8.24 4.75 18.97
C TRP D 87 7.38 4.60 17.76
N GLN D 88 8.00 4.25 16.65
CA GLN D 88 7.26 4.01 15.41
C GLN D 88 6.17 2.99 15.72
N LEU D 89 6.54 1.90 16.38
CA LEU D 89 5.62 0.80 16.64
C LEU D 89 4.49 1.23 17.54
N VAL D 90 4.78 2.02 18.57
CA VAL D 90 3.72 2.44 19.50
C VAL D 90 2.72 3.38 18.78
N GLY D 91 3.21 4.22 17.88
CA GLY D 91 2.35 5.04 17.03
C GLY D 91 1.45 4.21 16.11
N PHE D 92 2.02 3.20 15.48
CA PHE D 92 1.26 2.26 14.66
C PHE D 92 0.10 1.63 15.46
N TYR D 93 0.41 1.15 16.67
CA TYR D 93 -0.60 0.59 17.54
C TYR D 93 -1.78 1.55 17.69
N LEU D 94 -1.50 2.82 17.99
CA LEU D 94 -2.56 3.81 18.23
C LEU D 94 -3.47 4.00 17.01
N GLY D 95 -2.87 4.10 15.83
CA GLY D 95 -3.63 4.18 14.58
C GLY D 95 -4.38 2.89 14.24
N TRP D 96 -3.74 1.77 14.53
CA TRP D 96 -4.35 0.46 14.36
C TRP D 96 -5.55 0.25 15.24
N GLN D 97 -5.55 0.81 16.45
CA GLN D 97 -6.74 0.76 17.32
C GLN D 97 -7.93 1.59 16.79
N GLY D 98 -7.67 2.47 15.83
CA GLY D 98 -8.74 3.21 15.17
C GLY D 98 -8.81 4.68 15.57
N ASN D 99 -7.82 5.17 16.31
CA ASN D 99 -7.80 6.58 16.69
C ASN D 99 -7.35 7.52 15.58
N PRO D 100 -7.95 8.71 15.50
CA PRO D 100 -7.56 9.74 14.53
C PRO D 100 -6.42 10.63 14.99
N GLY D 101 -5.78 11.28 14.03
CA GLY D 101 -4.73 12.25 14.30
C GLY D 101 -3.33 11.77 13.97
N ARG D 102 -2.41 12.72 13.88
CA ARG D 102 -1.02 12.44 13.51
C ARG D 102 -0.18 12.14 14.74
N GLY D 103 0.79 11.25 14.59
CA GLY D 103 1.54 10.71 15.73
C GLY D 103 2.83 11.47 16.00
N ARG D 104 3.15 11.60 17.29
CA ARG D 104 4.41 12.16 17.74
C ARG D 104 4.90 11.39 18.95
N ALA D 105 6.16 10.99 18.93
CA ALA D 105 6.84 10.51 20.12
C ALA D 105 6.86 11.59 21.19
N LEU D 106 6.57 11.24 22.44
CA LEU D 106 6.60 12.21 23.54
C LEU D 106 7.79 12.01 24.50
N GLY D 107 8.37 10.82 24.50
CA GLY D 107 9.60 10.57 25.23
C GLY D 107 9.69 9.18 25.83
N SER D 108 10.55 9.00 26.82
CA SER D 108 10.55 7.79 27.61
C SER D 108 11.21 8.05 28.96
N GLY D 109 11.05 7.09 29.88
CA GLY D 109 11.98 6.92 30.99
C GLY D 109 13.23 6.19 30.54
N GLU D 110 13.81 5.38 31.41
CA GLU D 110 15.15 4.86 31.18
C GLU D 110 15.29 4.22 29.82
N VAL D 111 16.43 4.45 29.20
CA VAL D 111 16.82 3.71 28.02
C VAL D 111 18.21 3.15 28.25
N LYS D 112 18.44 1.89 27.87
CA LYS D 112 19.76 1.28 28.02
C LYS D 112 20.22 0.61 26.73
N PHE D 113 21.46 0.86 26.33
CA PHE D 113 22.14 0.13 25.26
C PHE D 113 23.25 -0.72 25.85
N PHE D 114 23.19 -2.03 25.67
CA PHE D 114 24.22 -2.91 26.20
C PHE D 114 24.57 -4.01 25.19
N GLY D 115 24.41 -3.70 23.91
CA GLY D 115 24.96 -4.52 22.84
C GLY D 115 24.85 -3.73 21.56
N GLN D 116 25.14 -4.34 20.42
CA GLN D 116 25.21 -3.61 19.16
C GLN D 116 24.78 -4.45 17.97
N VAL D 117 24.44 -3.78 16.88
CA VAL D 117 24.14 -4.45 15.62
C VAL D 117 25.23 -4.15 14.59
N LEU D 118 26.06 -5.18 14.33
CA LEU D 118 27.10 -5.12 13.29
C LEU D 118 26.54 -5.57 11.94
N PRO D 119 27.19 -5.15 10.84
CA PRO D 119 26.64 -5.45 9.54
C PRO D 119 26.65 -6.96 9.18
N THR D 120 27.27 -7.77 10.03
CA THR D 120 27.25 -9.22 9.83
C THR D 120 26.02 -9.85 10.48
N ALA D 121 25.19 -9.05 11.14
CA ALA D 121 23.98 -9.53 11.78
C ALA D 121 22.96 -9.98 10.75
N LYS D 122 21.99 -10.80 11.16
CA LYS D 122 20.91 -11.25 10.26
C LYS D 122 19.58 -10.53 10.51
N LYS D 123 19.13 -10.50 11.76
CA LYS D 123 17.79 -9.96 12.03
C LYS D 123 17.66 -9.31 13.41
N VAL D 124 17.08 -8.11 13.42
CA VAL D 124 16.70 -7.45 14.66
C VAL D 124 15.23 -7.70 14.97
N THR D 125 14.90 -7.97 16.22
CA THR D 125 13.53 -8.20 16.64
C THR D 125 13.16 -7.26 17.77
N TYR D 126 12.02 -6.59 17.62
CA TYR D 126 11.48 -5.70 18.63
C TYR D 126 10.30 -6.34 19.34
N ASN D 127 10.30 -6.23 20.66
CA ASN D 127 9.18 -6.63 21.47
C ASN D 127 8.70 -5.42 22.23
N ILE D 128 7.45 -5.03 22.01
CA ILE D 128 6.84 -3.89 22.72
C ILE D 128 5.68 -4.41 23.58
N HIS D 129 5.59 -3.95 24.82
CA HIS D 129 4.49 -4.28 25.70
C HIS D 129 3.73 -3.05 26.10
N ILE D 130 2.43 -3.02 25.82
CA ILE D 130 1.62 -1.83 26.07
C ILE D 130 1.22 -1.83 27.54
N LYS D 131 1.44 -0.69 28.19
CA LYS D 131 1.21 -0.57 29.61
C LYS D 131 -0.14 0.10 29.85
N ARG D 132 -0.51 1.04 28.99
CA ARG D 132 -1.67 1.89 29.23
C ARG D 132 -1.96 2.68 27.95
N THR D 133 -3.23 2.95 27.69
CA THR D 133 -3.63 3.99 26.75
C THR D 133 -4.55 4.96 27.46
N ILE D 134 -4.27 6.26 27.35
CA ILE D 134 -5.12 7.29 27.93
C ILE D 134 -5.89 8.02 26.85
N ASN D 135 -7.15 8.30 27.12
CA ASN D 135 -7.96 9.09 26.22
C ASN D 135 -8.22 10.43 26.91
N LEU D 138 -6.30 14.55 24.83
CA LEU D 138 -5.38 13.97 23.87
C LEU D 138 -5.34 12.46 24.06
N VAL D 139 -5.15 11.72 22.97
CA VAL D 139 -5.03 10.26 23.03
C VAL D 139 -3.55 9.87 23.07
N LEU D 140 -3.15 9.05 24.03
CA LEU D 140 -1.76 8.60 24.09
C LEU D 140 -1.50 7.21 24.70
N ALA D 141 -0.32 6.65 24.44
CA ALA D 141 0.00 5.26 24.79
C ALA D 141 1.33 5.19 25.51
N ILE D 142 1.42 4.30 26.50
CA ILE D 142 2.64 4.10 27.25
C ILE D 142 3.04 2.64 27.16
N ALA D 143 4.31 2.39 26.91
CA ALA D 143 4.77 1.03 26.70
C ALA D 143 6.23 0.82 27.11
N ASP D 144 6.60 -0.44 27.39
CA ASP D 144 7.99 -0.85 27.55
C ASP D 144 8.42 -1.59 26.31
N GLY D 145 9.73 -1.56 26.02
CA GLY D 145 10.26 -2.20 24.81
C GLY D 145 11.68 -2.73 24.97
N THR D 146 11.99 -3.75 24.20
CA THR D 146 13.35 -4.26 24.12
C THR D 146 13.70 -4.57 22.67
N VAL D 147 14.98 -4.58 22.38
CA VAL D 147 15.47 -4.82 21.03
C VAL D 147 16.48 -5.95 21.10
N SER D 148 16.41 -6.87 20.14
CA SER D 148 17.29 -8.03 20.13
C SER D 148 17.89 -8.23 18.76
N VAL D 149 19.10 -8.79 18.72
CA VAL D 149 19.79 -9.07 17.48
C VAL D 149 20.19 -10.53 17.50
N ASP D 150 19.71 -11.25 16.50
CA ASP D 150 19.92 -12.68 16.38
C ASP D 150 19.81 -13.40 17.73
N GLY D 151 18.72 -13.13 18.45
CA GLY D 151 18.35 -13.93 19.62
C GLY D 151 18.83 -13.31 20.93
N ARG D 152 19.65 -12.27 20.80
CA ARG D 152 20.29 -11.65 21.96
C ARG D 152 19.72 -10.27 22.28
N GLU D 153 19.34 -10.04 23.52
CA GLU D 153 18.73 -8.78 23.97
C GLU D 153 19.83 -7.73 24.05
N ILE D 154 19.68 -6.59 23.37
CA ILE D 154 20.72 -5.57 23.40
C ILE D 154 20.32 -4.17 23.92
N TYR D 155 19.08 -3.74 23.64
CA TYR D 155 18.55 -2.48 24.20
C TYR D 155 17.30 -2.68 25.04
N SER D 156 17.05 -1.77 25.98
CA SER D 156 15.77 -1.73 26.70
C SER D 156 15.28 -0.31 26.88
N ALA D 157 13.97 -0.14 26.94
CA ALA D 157 13.34 1.19 27.10
C ALA D 157 12.09 1.04 27.98
N GLU D 158 12.03 1.83 29.06
CA GLU D 158 10.86 1.86 29.93
C GLU D 158 10.10 3.16 29.75
N GLY D 159 8.78 3.07 29.63
CA GLY D 159 7.91 4.24 29.66
C GLY D 159 7.96 5.03 28.38
N LEU D 160 8.03 4.33 27.26
CA LEU D 160 7.91 4.97 25.95
C LEU D 160 6.53 5.60 25.90
N ARG D 161 6.45 6.82 25.35
CA ARG D 161 5.18 7.54 25.19
C ARG D 161 5.00 8.08 23.75
N VAL D 162 3.83 7.85 23.17
CA VAL D 162 3.48 8.38 21.86
C VAL D 162 2.05 8.94 21.94
N GLY D 163 1.83 10.11 21.35
CA GLY D 163 0.51 10.73 21.35
C GLY D 163 0.03 10.98 19.93
N LEU D 164 -1.28 11.12 19.75
CA LEU D 164 -1.90 11.46 18.47
C LEU D 164 -2.52 12.84 18.53
N PHE D 165 -2.41 13.57 17.44
CA PHE D 165 -2.68 15.01 17.41
C PHE D 165 -3.58 15.34 16.23
N THR D 166 -4.77 15.83 16.54
CA THR D 166 -5.78 16.07 15.55
C THR D 166 -5.60 17.48 14.98
N SER D 167 -6.47 17.80 14.03
CA SER D 167 -6.55 19.13 13.41
C SER D 167 -6.46 20.24 14.46
N THR D 168 -7.17 20.03 15.57
CA THR D 168 -7.37 21.08 16.58
C THR D 168 -6.19 21.19 17.55
N ASP D 169 -5.30 20.18 17.57
CA ASP D 169 -4.17 20.09 18.53
C ASP D 169 -2.85 20.64 17.95
N LYS E 3 6.44 12.97 -4.63
CA LYS E 3 6.98 12.45 -3.31
C LYS E 3 5.91 12.15 -2.22
N GLN E 4 4.85 12.95 -2.18
CA GLN E 4 3.67 12.67 -1.34
C GLN E 4 2.57 11.92 -2.11
N HIS E 5 1.86 11.01 -1.47
CA HIS E 5 0.90 10.13 -2.19
C HIS E 5 -0.53 10.22 -1.74
N ALA E 6 -0.78 11.12 -0.79
CA ALA E 6 -2.16 11.44 -0.33
C ALA E 6 -2.19 12.90 0.20
N PHE E 7 -3.29 13.60 0.00
CA PHE E 7 -3.35 15.02 0.37
C PHE E 7 -4.67 15.40 1.08
N THR E 8 -4.57 16.14 2.16
CA THR E 8 -5.73 16.57 2.93
C THR E 8 -6.32 17.82 2.26
N ARG E 9 -7.49 18.24 2.73
CA ARG E 9 -8.13 19.43 2.17
C ARG E 9 -7.28 20.70 2.27
N GLU E 10 -6.56 20.85 3.37
CA GLU E 10 -5.62 21.95 3.51
C GLU E 10 -4.48 21.86 2.52
N ASP E 11 -4.00 20.64 2.27
CA ASP E 11 -2.96 20.47 1.25
C ASP E 11 -3.53 21.01 -0.08
N LEU E 12 -4.77 20.64 -0.38
CA LEU E 12 -5.39 21.08 -1.63
C LEU E 12 -5.61 22.60 -1.65
N LEU E 13 -6.01 23.19 -0.53
CA LEU E 13 -6.15 24.64 -0.46
C LEU E 13 -4.79 25.33 -0.62
N ARG E 14 -3.75 24.69 -0.15
CA ARG E 14 -2.43 25.24 -0.27
C ARG E 14 -2.08 25.16 -1.76
N CYS E 15 -2.40 24.05 -2.40
CA CYS E 15 -2.18 23.93 -3.87
C CYS E 15 -2.89 25.05 -4.60
N SER E 16 -4.09 25.38 -4.16
CA SER E 16 -4.91 26.36 -4.86
C SER E 16 -4.32 27.76 -4.81
N ARG E 17 -3.56 28.04 -3.76
CA ARG E 17 -2.89 29.34 -3.61
C ARG E 17 -1.53 29.35 -4.27
N GLY E 18 -1.20 28.26 -4.97
CA GLY E 18 0.03 28.21 -5.73
C GLY E 18 1.20 27.73 -4.90
N GLU E 19 0.91 27.22 -3.70
CA GLU E 19 1.93 27.06 -2.69
C GLU E 19 2.35 25.61 -2.51
N LEU E 20 1.80 24.71 -3.28
CA LEU E 20 2.23 23.32 -3.21
C LEU E 20 3.25 23.06 -4.32
N PHE E 21 2.97 23.51 -5.54
CA PHE E 21 3.86 23.28 -6.67
C PHE E 21 4.61 24.52 -7.08
N GLY E 22 4.33 25.65 -6.45
CA GLY E 22 5.02 26.90 -6.80
C GLY E 22 4.27 27.78 -7.77
N PRO E 23 4.61 29.07 -7.79
CA PRO E 23 3.94 30.02 -8.66
C PRO E 23 4.25 29.71 -10.12
N GLY E 24 3.24 29.85 -10.96
CA GLY E 24 3.42 29.56 -12.38
C GLY E 24 3.29 28.10 -12.73
N ASN E 25 3.09 27.23 -11.73
CA ASN E 25 2.87 25.82 -11.99
C ASN E 25 1.41 25.45 -11.69
N ALA E 26 1.05 24.18 -11.79
CA ALA E 26 -0.36 23.79 -11.79
C ALA E 26 -1.00 24.12 -10.45
N GLN E 27 -2.15 24.76 -10.49
CA GLN E 27 -2.96 24.99 -9.29
C GLN E 27 -4.27 24.29 -9.49
N LEU E 28 -4.79 23.70 -8.44
CA LEU E 28 -6.22 23.56 -8.32
C LEU E 28 -6.89 24.94 -8.21
N PRO E 29 -8.18 25.01 -8.53
CA PRO E 29 -8.96 26.22 -8.26
C PRO E 29 -9.34 26.28 -6.83
N ALA E 30 -9.63 27.48 -6.36
CA ALA E 30 -10.16 27.70 -5.00
C ALA E 30 -11.66 27.53 -4.96
N PRO E 31 -12.23 27.44 -3.75
CA PRO E 31 -13.70 27.45 -3.65
C PRO E 31 -14.20 28.75 -4.24
N ASN E 32 -15.34 28.74 -4.92
CA ASN E 32 -16.21 27.58 -5.02
C ASN E 32 -16.06 26.75 -6.28
N MET E 33 -14.96 26.87 -7.00
CA MET E 33 -14.74 25.97 -8.16
C MET E 33 -14.04 24.66 -7.79
N LEU E 34 -13.37 24.62 -6.65
CA LEU E 34 -12.65 23.43 -6.25
C LEU E 34 -13.64 22.31 -6.00
N MET E 35 -13.50 21.19 -6.69
CA MET E 35 -14.47 20.13 -6.55
C MET E 35 -13.93 18.91 -5.86
N ILE E 36 -12.86 19.08 -5.09
CA ILE E 36 -12.17 17.98 -4.40
C ILE E 36 -11.86 18.34 -2.95
N ASP E 37 -12.14 17.43 -2.02
CA ASP E 37 -11.84 17.66 -0.60
C ASP E 37 -10.54 16.99 -0.26
N ARG E 38 -10.26 15.83 -0.86
CA ARG E 38 -8.99 15.17 -0.61
C ARG E 38 -8.58 14.22 -1.71
N ILE E 39 -7.27 14.02 -1.87
CA ILE E 39 -6.72 12.96 -2.71
C ILE E 39 -6.23 11.78 -1.88
N VAL E 40 -6.86 10.63 -2.09
CA VAL E 40 -6.65 9.46 -1.25
C VAL E 40 -5.47 8.62 -1.74
N HIS E 41 -5.23 8.63 -3.04
CA HIS E 41 -4.14 7.84 -3.63
C HIS E 41 -3.74 8.50 -4.91
N ILE E 42 -2.45 8.70 -5.08
CA ILE E 42 -1.91 9.17 -6.33
C ILE E 42 -0.61 8.43 -6.53
N SER E 43 -0.44 7.80 -7.68
CA SER E 43 0.86 7.29 -8.05
C SER E 43 1.08 7.33 -9.55
N ASP E 44 2.32 7.05 -9.95
CA ASP E 44 2.69 7.04 -11.36
C ASP E 44 2.93 5.61 -11.89
N VAL E 45 2.48 4.60 -11.15
CA VAL E 45 2.40 3.23 -11.72
C VAL E 45 1.03 2.65 -11.49
N GLY E 46 0.78 1.51 -12.11
CA GLY E 46 -0.57 0.94 -12.02
C GLY E 46 -1.61 1.90 -12.59
N GLY E 47 -2.85 1.68 -12.19
CA GLY E 47 -3.98 2.15 -12.99
C GLY E 47 -4.31 1.23 -14.16
N LYS E 48 -5.41 1.52 -14.84
CA LYS E 48 -5.91 0.76 -15.99
C LYS E 48 -4.84 0.55 -17.08
N TYR E 49 -3.93 1.49 -17.22
CA TYR E 49 -3.01 1.47 -18.34
C TYR E 49 -1.63 1.26 -17.87
N GLY E 50 -1.46 1.21 -16.56
CA GLY E 50 -0.13 1.00 -15.99
C GLY E 50 0.74 2.23 -15.92
N LYS E 51 0.16 3.40 -16.15
CA LYS E 51 0.92 4.64 -16.27
C LYS E 51 0.54 5.61 -15.17
N GLY E 52 -0.16 5.12 -14.15
CA GLY E 52 -0.59 5.96 -13.02
C GLY E 52 -2.09 6.06 -12.80
N GLU E 53 -2.48 6.60 -11.63
CA GLU E 53 -3.84 6.51 -11.07
C GLU E 53 -3.99 7.65 -10.03
N LEU E 54 -5.14 8.30 -9.97
CA LEU E 54 -5.52 9.10 -8.80
C LEU E 54 -6.87 8.66 -8.27
N VAL E 55 -7.02 8.72 -6.95
CA VAL E 55 -8.31 8.51 -6.33
C VAL E 55 -8.55 9.67 -5.38
N ALA E 56 -9.68 10.35 -5.53
CA ALA E 56 -9.98 11.58 -4.77
C ALA E 56 -11.46 11.57 -4.31
N GLU E 57 -11.80 12.37 -3.31
CA GLU E 57 -13.16 12.39 -2.76
C GLU E 57 -13.70 13.81 -2.59
N LEU E 58 -15.01 13.96 -2.73
CA LEU E 58 -15.68 15.21 -2.38
C LEU E 58 -16.82 14.86 -1.45
N ASP E 59 -16.86 15.46 -0.27
CA ASP E 59 -17.96 15.24 0.66
C ASP E 59 -19.17 16.08 0.26
N ILE E 60 -20.34 15.46 0.34
CA ILE E 60 -21.58 16.09 -0.07
C ILE E 60 -22.42 16.45 1.15
N ASN E 61 -22.99 17.64 1.13
CA ASN E 61 -24.06 18.00 2.07
C ASN E 61 -25.02 18.98 1.41
N PRO E 62 -26.26 19.07 1.93
CA PRO E 62 -27.32 19.83 1.26
C PRO E 62 -27.02 21.31 1.07
N ASP E 63 -26.01 21.79 1.78
CA ASP E 63 -25.66 23.20 1.83
C ASP E 63 -24.62 23.61 0.79
N LEU E 64 -24.07 22.66 0.04
CA LEU E 64 -23.26 23.01 -1.10
C LEU E 64 -24.01 23.95 -2.05
N TRP E 65 -23.31 24.96 -2.54
CA TRP E 65 -23.93 26.14 -3.12
C TRP E 65 -24.69 25.82 -4.35
N PHE E 66 -24.20 24.83 -5.09
CA PHE E 66 -24.79 24.55 -6.40
C PHE E 66 -26.16 23.90 -6.31
N PHE E 67 -26.48 23.33 -5.16
CA PHE E 67 -27.81 22.73 -4.96
C PHE E 67 -28.92 23.77 -4.94
N ALA E 68 -28.64 24.94 -4.43
CA ALA E 68 -29.64 26.01 -4.41
C ALA E 68 -30.02 26.51 -5.81
N CYS E 69 -29.04 26.65 -6.71
CA CYS E 69 -29.25 27.28 -8.03
C CYS E 69 -29.38 26.30 -9.19
N HIS E 70 -29.23 25.01 -8.92
CA HIS E 70 -29.19 24.00 -9.99
C HIS E 70 -29.84 22.72 -9.56
N PHE E 71 -31.18 22.63 -9.59
CA PHE E 71 -32.08 23.74 -9.95
C PHE E 71 -33.04 24.03 -8.80
N GLU E 72 -33.61 25.22 -8.80
CA GLU E 72 -34.65 25.55 -7.83
C GLU E 72 -35.73 24.47 -7.91
N GLY E 73 -36.01 23.87 -6.77
CA GLY E 73 -37.07 22.86 -6.66
C GLY E 73 -36.63 21.48 -7.07
N ASP E 74 -35.35 21.31 -7.38
CA ASP E 74 -34.85 20.11 -8.07
C ASP E 74 -33.32 20.05 -8.02
N PRO E 75 -32.77 19.97 -6.81
CA PRO E 75 -31.36 20.11 -6.65
C PRO E 75 -30.69 18.86 -7.17
N VAL E 76 -29.60 19.05 -7.91
CA VAL E 76 -28.75 17.97 -8.36
C VAL E 76 -27.37 18.55 -8.72
N MET E 77 -26.30 17.86 -8.34
CA MET E 77 -24.98 18.36 -8.68
C MET E 77 -24.82 18.46 -10.17
N PRO E 78 -24.26 19.57 -10.67
CA PRO E 78 -24.06 19.69 -12.09
C PRO E 78 -23.03 18.70 -12.62
N GLY E 79 -23.35 18.01 -13.71
CA GLY E 79 -22.42 17.08 -14.30
C GLY E 79 -21.12 17.77 -14.69
N CYS E 80 -21.23 18.96 -15.26
CA CYS E 80 -20.02 19.68 -15.67
C CYS E 80 -19.03 19.81 -14.53
N LEU E 81 -19.52 19.89 -13.31
CA LEU E 81 -18.60 20.14 -12.20
C LEU E 81 -17.92 18.85 -11.83
N GLY E 82 -18.62 17.73 -11.94
CA GLY E 82 -17.95 16.42 -11.72
C GLY E 82 -16.96 16.10 -12.81
N LEU E 83 -17.27 16.54 -14.02
CA LEU E 83 -16.33 16.51 -15.09
C LEU E 83 -15.09 17.37 -14.80
N ASP E 84 -15.27 18.57 -14.26
CA ASP E 84 -14.13 19.47 -14.07
C ASP E 84 -13.22 18.92 -12.99
N ALA E 85 -13.79 18.28 -11.99
CA ALA E 85 -12.99 17.54 -11.02
C ALA E 85 -11.92 16.72 -11.72
N MET E 86 -12.32 16.03 -12.77
CA MET E 86 -11.46 15.05 -13.40
C MET E 86 -10.35 15.81 -14.12
N TRP E 87 -10.69 16.92 -14.77
CA TRP E 87 -9.66 17.78 -15.36
C TRP E 87 -8.77 18.35 -14.29
N GLN E 88 -9.37 18.80 -13.20
CA GLN E 88 -8.60 19.40 -12.12
C GLN E 88 -7.57 18.34 -11.72
N LEU E 89 -8.02 17.11 -11.50
CA LEU E 89 -7.14 16.09 -11.01
C LEU E 89 -6.03 15.73 -12.02
N VAL E 90 -6.34 15.69 -13.31
CA VAL E 90 -5.30 15.35 -14.31
C VAL E 90 -4.23 16.45 -14.36
N GLY E 91 -4.66 17.69 -14.16
CA GLY E 91 -3.70 18.79 -14.02
C GLY E 91 -2.82 18.64 -12.79
N PHE E 92 -3.42 18.26 -11.68
CA PHE E 92 -2.68 18.03 -10.45
C PHE E 92 -1.59 16.98 -10.69
N TYR E 93 -1.96 15.91 -11.37
CA TYR E 93 -0.97 14.86 -11.70
C TYR E 93 0.26 15.42 -12.44
N LEU E 94 0.03 16.30 -13.42
CA LEU E 94 1.11 16.86 -14.23
C LEU E 94 2.04 17.70 -13.37
N GLY E 95 1.47 18.49 -12.48
CA GLY E 95 2.28 19.30 -11.58
C GLY E 95 3.03 18.38 -10.62
N TRP E 96 2.34 17.36 -10.16
CA TRP E 96 2.88 16.47 -9.16
C TRP E 96 4.08 15.75 -9.70
N GLN E 97 4.09 15.49 -10.99
CA GLN E 97 5.24 14.87 -11.64
C GLN E 97 6.43 15.79 -11.74
N GLY E 98 6.23 17.08 -11.54
CA GLY E 98 7.35 18.03 -11.54
C GLY E 98 7.47 18.89 -12.79
N ASN E 99 6.48 18.86 -13.66
CA ASN E 99 6.48 19.72 -14.81
C ASN E 99 6.06 21.15 -14.50
N PRO E 100 6.56 22.10 -15.26
CA PRO E 100 6.23 23.51 -15.03
C PRO E 100 5.09 23.96 -15.89
N GLY E 101 4.47 25.09 -15.50
CA GLY E 101 3.46 25.74 -16.30
C GLY E 101 2.08 25.67 -15.70
N ARG E 102 1.19 26.52 -16.22
CA ARG E 102 -0.20 26.57 -15.79
C ARG E 102 -1.03 25.56 -16.57
N GLY E 103 -2.04 25.00 -15.92
CA GLY E 103 -2.85 23.93 -16.55
C GLY E 103 -4.09 24.45 -17.25
N ARG E 104 -4.44 23.82 -18.38
CA ARG E 104 -5.70 24.09 -19.06
C ARG E 104 -6.23 22.76 -19.57
N ALA E 105 -7.51 22.47 -19.33
CA ALA E 105 -8.19 21.35 -19.99
C ALA E 105 -8.23 21.57 -21.51
N LEU E 106 -7.99 20.52 -22.28
CA LEU E 106 -7.96 20.61 -23.76
C LEU E 106 -9.09 19.84 -24.40
N GLY E 107 -9.75 18.99 -23.61
CA GLY E 107 -11.01 18.40 -24.01
C GLY E 107 -11.17 16.95 -23.58
N SER E 108 -12.10 16.23 -24.20
CA SER E 108 -12.19 14.79 -24.02
C SER E 108 -12.91 14.16 -25.16
N GLY E 109 -12.75 12.84 -25.31
CA GLY E 109 -13.65 12.00 -26.10
C GLY E 109 -14.90 11.75 -25.26
N GLU E 110 -15.51 10.61 -25.42
CA GLU E 110 -16.84 10.39 -24.89
C GLU E 110 -16.97 10.78 -23.44
N VAL E 111 -18.08 11.42 -23.10
CA VAL E 111 -18.44 11.62 -21.71
C VAL E 111 -19.85 11.08 -21.54
N LYS E 112 -20.09 10.34 -20.46
CA LYS E 112 -21.44 9.81 -20.21
C LYS E 112 -21.86 10.15 -18.80
N PHE E 113 -23.08 10.66 -18.65
CA PHE E 113 -23.73 10.81 -17.35
C PHE E 113 -24.89 9.84 -17.28
N PHE E 114 -24.86 8.93 -16.34
CA PHE E 114 -25.94 7.94 -16.20
C PHE E 114 -26.30 7.73 -14.69
N GLY E 115 -26.08 8.76 -13.88
CA GLY E 115 -26.69 8.88 -12.58
C GLY E 115 -26.54 10.32 -12.11
N GLN E 116 -26.90 10.58 -10.85
CA GLN E 116 -26.85 11.95 -10.33
C GLN E 116 -26.45 11.98 -8.86
N VAL E 117 -25.92 13.11 -8.44
CA VAL E 117 -25.65 13.39 -7.04
C VAL E 117 -26.73 14.32 -6.46
N LEU E 118 -27.56 13.75 -5.58
CA LEU E 118 -28.59 14.47 -4.86
C LEU E 118 -28.07 14.92 -3.51
N PRO E 119 -28.76 15.88 -2.86
CA PRO E 119 -28.20 16.46 -1.66
C PRO E 119 -28.25 15.52 -0.45
N THR E 120 -28.89 14.36 -0.63
CA THR E 120 -28.87 13.33 0.42
C THR E 120 -27.67 12.38 0.31
N ALA E 121 -26.86 12.54 -0.73
CA ALA E 121 -25.63 11.72 -0.87
C ALA E 121 -24.62 12.03 0.23
N LYS E 122 -23.68 11.11 0.44
CA LYS E 122 -22.62 11.31 1.45
C LYS E 122 -21.30 11.69 0.80
N LYS E 123 -20.87 10.95 -0.23
CA LYS E 123 -19.54 11.16 -0.79
C LYS E 123 -19.41 10.83 -2.27
N VAL E 124 -18.81 11.72 -3.03
CA VAL E 124 -18.41 11.43 -4.38
C VAL E 124 -16.96 11.04 -4.47
N THR E 125 -16.66 10.05 -5.31
CA THR E 125 -15.30 9.58 -5.47
C THR E 125 -14.91 9.58 -6.93
N TYR E 126 -13.74 10.15 -7.21
CA TYR E 126 -13.18 10.12 -8.54
C TYR E 126 -12.08 9.09 -8.67
N ASN E 127 -12.10 8.36 -9.77
CA ASN E 127 -10.99 7.47 -10.16
C ASN E 127 -10.52 7.96 -11.50
N ILE E 128 -9.24 8.33 -11.59
CA ILE E 128 -8.60 8.72 -12.83
C ILE E 128 -7.48 7.78 -13.21
N HIS E 129 -7.41 7.38 -14.48
CA HIS E 129 -6.37 6.50 -14.99
C HIS E 129 -5.59 7.18 -16.08
N ILE E 130 -4.29 7.30 -15.90
CA ILE E 130 -3.46 8.04 -16.84
C ILE E 130 -3.17 7.10 -17.98
N LYS E 131 -3.37 7.58 -19.20
CA LYS E 131 -3.19 6.78 -20.42
C LYS E 131 -1.88 7.09 -21.08
N ARG E 132 -1.47 8.34 -21.04
CA ARG E 132 -0.28 8.72 -21.74
C ARG E 132 0.11 10.11 -21.25
N THR E 133 1.40 10.38 -21.17
CA THR E 133 1.87 11.75 -21.04
C THR E 133 2.77 12.03 -22.22
N ILE E 134 2.51 13.13 -22.94
CA ILE E 134 3.37 13.55 -24.03
C ILE E 134 4.22 14.74 -23.66
N ASN E 135 5.48 14.74 -24.08
CA ASN E 135 6.42 15.79 -23.71
C ASN E 135 7.05 16.38 -24.96
N ARG E 136 6.33 16.38 -26.06
CA ARG E 136 6.98 16.61 -27.33
C ARG E 136 7.19 18.09 -27.63
N SER E 137 6.19 18.93 -27.35
CA SER E 137 6.29 20.36 -27.66
C SER E 137 5.64 21.22 -26.58
N LEU E 138 4.38 20.95 -26.34
CA LEU E 138 3.72 21.24 -25.07
C LEU E 138 3.63 19.96 -24.23
N VAL E 139 3.66 20.07 -22.91
CA VAL E 139 3.55 18.87 -22.07
C VAL E 139 2.08 18.61 -21.83
N LEU E 140 1.63 17.39 -22.03
CA LEU E 140 0.22 17.09 -21.79
C LEU E 140 -0.08 15.69 -21.39
N ALA E 141 -1.25 15.49 -20.85
CA ALA E 141 -1.66 14.21 -20.27
C ALA E 141 -2.97 13.75 -20.91
N ILE E 142 -3.10 12.46 -21.16
CA ILE E 142 -4.40 11.89 -21.60
C ILE E 142 -4.81 10.84 -20.58
N ALA E 143 -6.08 10.85 -20.20
CA ALA E 143 -6.53 10.00 -19.11
C ALA E 143 -8.00 9.62 -19.26
N ASP E 144 -8.39 8.49 -18.69
CA ASP E 144 -9.81 8.13 -18.51
C ASP E 144 -10.22 8.34 -17.08
N GLY E 145 -11.50 8.58 -16.85
CA GLY E 145 -11.99 8.83 -15.52
C GLY E 145 -13.39 8.32 -15.33
N THR E 146 -13.75 8.05 -14.07
CA THR E 146 -15.13 7.80 -13.69
C THR E 146 -15.44 8.57 -12.41
N VAL E 147 -16.74 8.85 -12.21
CA VAL E 147 -17.23 9.49 -11.01
C VAL E 147 -18.29 8.63 -10.35
N SER E 148 -18.23 8.50 -9.04
CA SER E 148 -19.12 7.58 -8.29
C SER E 148 -19.67 8.27 -7.06
N VAL E 149 -20.88 7.88 -6.69
CA VAL E 149 -21.52 8.47 -5.54
C VAL E 149 -21.95 7.35 -4.64
N ASP E 150 -21.44 7.39 -3.42
CA ASP E 150 -21.65 6.34 -2.43
C ASP E 150 -21.56 4.93 -3.03
N GLY E 151 -20.49 4.69 -3.78
CA GLY E 151 -20.13 3.34 -4.20
C GLY E 151 -20.63 3.03 -5.58
N ARG E 152 -21.46 3.93 -6.12
CA ARG E 152 -22.14 3.70 -7.37
C ARG E 152 -21.60 4.56 -8.49
N GLU E 153 -21.29 3.93 -9.60
CA GLU E 153 -20.68 4.61 -10.73
C GLU E 153 -21.75 5.41 -11.44
N ILE E 154 -21.52 6.69 -11.66
CA ILE E 154 -22.51 7.50 -12.37
C ILE E 154 -22.04 8.23 -13.64
N TYR E 155 -20.81 8.72 -13.67
CA TYR E 155 -20.25 9.31 -14.91
C TYR E 155 -19.04 8.54 -15.41
N SER E 156 -18.76 8.66 -16.70
CA SER E 156 -17.49 8.20 -17.27
C SER E 156 -16.98 9.19 -18.31
N ALA E 157 -15.67 9.24 -18.48
CA ALA E 157 -15.00 10.17 -19.38
C ALA E 157 -13.76 9.49 -20.03
N GLU E 158 -13.74 9.35 -21.35
CA GLU E 158 -12.62 8.77 -22.05
C GLU E 158 -11.85 9.84 -22.77
N GLY E 159 -10.54 9.80 -22.65
CA GLY E 159 -9.68 10.69 -23.40
C GLY E 159 -9.76 12.13 -22.90
N LEU E 160 -9.80 12.32 -21.59
CA LEU E 160 -9.55 13.60 -20.98
C LEU E 160 -8.14 14.07 -21.33
N ARG E 161 -8.01 15.32 -21.69
CA ARG E 161 -6.72 15.91 -22.04
C ARG E 161 -6.53 17.20 -21.24
N VAL E 162 -5.35 17.32 -20.64
CA VAL E 162 -4.93 18.53 -20.01
C VAL E 162 -3.51 18.86 -20.44
N GLY E 163 -3.27 20.12 -20.75
CA GLY E 163 -1.93 20.59 -21.09
C GLY E 163 -1.42 21.67 -20.15
N LEU E 164 -0.09 21.84 -20.12
CA LEU E 164 0.55 22.79 -19.23
C LEU E 164 1.18 23.83 -20.11
N PHE E 165 1.12 25.06 -19.66
CA PHE E 165 1.42 26.23 -20.45
C PHE E 165 2.37 27.11 -19.65
N THR E 166 3.57 27.27 -20.19
CA THR E 166 4.60 27.92 -19.46
C THR E 166 4.32 29.42 -19.42
N SER E 167 5.18 30.15 -18.74
CA SER E 167 5.04 31.57 -18.62
C SER E 167 5.01 32.25 -19.98
N THR E 168 5.59 31.65 -21.01
CA THR E 168 5.63 32.27 -22.35
C THR E 168 4.45 31.90 -23.23
N ASP E 169 3.67 30.89 -22.82
CA ASP E 169 2.65 30.29 -23.68
C ASP E 169 1.28 30.94 -23.53
N SER E 170 0.80 31.49 -24.64
CA SER E 170 -0.34 32.39 -24.60
C SER E 170 -1.70 31.67 -24.48
N PHE E 171 -2.01 30.78 -25.43
CA PHE E 171 -3.32 30.14 -25.53
C PHE E 171 -4.51 31.01 -25.96
#